data_1Y9F
# 
_entry.id   1Y9F 
# 
_audit_conform.dict_name       mmcif_pdbx.dic 
_audit_conform.dict_version    5.376 
_audit_conform.dict_location   http://mmcif.pdb.org/dictionaries/ascii/mmcif_pdbx.dic 
# 
loop_
_database_2.database_id 
_database_2.database_code 
_database_2.pdbx_database_accession 
_database_2.pdbx_DOI 
PDB   1Y9F         pdb_00001y9f 10.2210/pdb1y9f/pdb 
NDB   AD0039       ?            ?                   
RCSB  RCSB031282   ?            ?                   
WWPDB D_1000031282 ?            ?                   
# 
loop_
_pdbx_database_related.db_name 
_pdbx_database_related.db_id 
_pdbx_database_related.details 
_pdbx_database_related.content_type 
PDB 1Y7F 
;Crystal structure of the A-DNA GCGTAT*CGC with a 2'-O-[2-[hydroxy(methyleneamino)oxy]ethyl] Thymidine (T*)
;
unspecified 
PDB 1Y84 
;Crystal structure of the A-DNA GCGTAT*CGC with a 2'-O-[2-(imidazolyl)ethyl] Thymidine (T*)
;
unspecified 
PDB 1Y86 
;Crystal structure of the A-DNA GCGTAT*CGC with a 2'-O-[2-(fluoro)ethyl] Thymidine (T*)
;
unspecified 
PDB 1Y8L 
;Crystal structure of the A-DNA GCGTAT*CGC with a 2'-O-[2-(trifluoro)ethyl] Thymidine (T*)
;
unspecified 
PDB 1Y8V 
;Crystal structure of the A-DNA GCGTAT*CGC with a 2'-O-propyl Thymidine (T*)
;
unspecified 
PDB 1Y9S 
;Crystal structure of the A-DNA GCGTAT*CGC with a 2'-O-propargyl Thymidine (T*)
;
unspecified 
PDB 1WV5 
;X-RAY STRUCTURE OF THE A-DECAMER GCGTATACGC WITH A SINGLE 2'-O-BUTYL  THYMINE IN PLACE OF T6, MG-FORM
;
unspecified 
PDB 1WV6 
;X-RAY STRUCTURE OF THE A-DECAMER GCGTATACGC WITH A SINGLE 2'-O-BUTYL  THYMINE IN PLACE OF T6, SR-FORM
;
unspecified 
# 
_pdbx_database_status.status_code                     REL 
_pdbx_database_status.entry_id                        1Y9F 
_pdbx_database_status.recvd_initial_deposition_date   2004-12-15 
_pdbx_database_status.deposit_site                    RCSB 
_pdbx_database_status.process_site                    RCSB 
_pdbx_database_status.status_code_sf                  REL 
_pdbx_database_status.SG_entry                        . 
_pdbx_database_status.pdb_format_compatible           Y 
_pdbx_database_status.status_code_mr                  ? 
_pdbx_database_status.status_code_cs                  ? 
_pdbx_database_status.status_code_nmr_data            ? 
_pdbx_database_status.methods_development_category    ? 
# 
loop_
_audit_author.name 
_audit_author.pdbx_ordinal 
'Egli, M.'      1  
'Minasov, G.'   2  
'Tereshko, V.'  3  
'Pallan, P.S.'  4  
'Teplova, M.'   5  
'Inamati, G.B.' 6  
'Lesnik, E.A.'  7  
'Owens, S.R.'   8  
'Ross, B.S.'    9  
'Prakash, T.P.' 10 
'Manoharan, M.' 11 
# 
_citation.id                        primary 
_citation.title                     
;Probing the Influence of Stereoelectronic Effects on the Biophysical Properties of Oligonucleotides: Comprehensive Analysis of the RNA Affinity, Nuclease Resistance, and Crystal Structure of Ten 2'-O-Ribonucleic Acid Modifications.
;
_citation.journal_abbrev            Biochemistry 
_citation.journal_volume            44 
_citation.page_first                9045 
_citation.page_last                 9057 
_citation.year                      2005 
_citation.journal_id_ASTM           BICHAW 
_citation.country                   US 
_citation.journal_id_ISSN           0006-2960 
_citation.journal_id_CSD            0033 
_citation.book_publisher            ? 
_citation.pdbx_database_id_PubMed   15966728 
_citation.pdbx_database_id_DOI      10.1021/bi050574m 
# 
loop_
_citation_author.citation_id 
_citation_author.name 
_citation_author.ordinal 
_citation_author.identifier_ORCID 
primary 'Egli, M.'      1  ? 
primary 'Minasov, G.'   2  ? 
primary 'Tereshko, V.'  3  ? 
primary 'Pallan, P.S.'  4  ? 
primary 'Teplova, M.'   5  ? 
primary 'Inamati, G.B.' 6  ? 
primary 'Lesnik, E.A.'  7  ? 
primary 'Owens, S.R.'   8  ? 
primary 'Ross, B.S.'    9  ? 
primary 'Prakash, T.P.' 10 ? 
primary 'Manoharan, M.' 11 ? 
# 
_cell.entry_id           1Y9F 
_cell.length_a           24.696 
_cell.length_b           45.070 
_cell.length_c           45.640 
_cell.angle_alpha        90.00 
_cell.angle_beta         90.00 
_cell.angle_gamma        90.00 
_cell.Z_PDB              8 
_cell.pdbx_unique_axis   ? 
# 
_symmetry.entry_id                         1Y9F 
_symmetry.space_group_name_H-M             'P 21 21 21' 
_symmetry.pdbx_full_space_group_name_H-M   ? 
_symmetry.cell_setting                     ? 
_symmetry.Int_Tables_number                19 
_symmetry.space_group_name_Hall            ? 
# 
loop_
_entity.id 
_entity.type 
_entity.src_method 
_entity.pdbx_description 
_entity.formula_weight 
_entity.pdbx_number_of_molecules 
_entity.pdbx_ec 
_entity.pdbx_mutation 
_entity.pdbx_fragment 
_entity.details 
1 polymer syn "5'-D(*GP*CP*GP*TP*AP*(2AT)P*AP*CP*GP*C)-3')" 3101.069 2   ? ? ? ? 
2 water   nat water                                         18.015   127 ? ? ? ? 
# 
_entity_poly.entity_id                      1 
_entity_poly.type                           polydeoxyribonucleotide 
_entity_poly.nstd_linkage                   no 
_entity_poly.nstd_monomer                   yes 
_entity_poly.pdbx_seq_one_letter_code       '(DG)(DC)(DG)(DT)(DA)(2AT)(DA)(DC)(DG)(DC)' 
_entity_poly.pdbx_seq_one_letter_code_can   GCGTATACGC 
_entity_poly.pdbx_strand_id                 A,B 
_entity_poly.pdbx_target_identifier         ? 
# 
loop_
_entity_poly_seq.entity_id 
_entity_poly_seq.num 
_entity_poly_seq.mon_id 
_entity_poly_seq.hetero 
1 1  DG  n 
1 2  DC  n 
1 3  DG  n 
1 4  DT  n 
1 5  DA  n 
1 6  2AT n 
1 7  DA  n 
1 8  DC  n 
1 9  DG  n 
1 10 DC  n 
# 
_struct_ref.id                         1 
_struct_ref.entity_id                  1 
_struct_ref.db_name                    PDB 
_struct_ref.db_code                    1Y9F 
_struct_ref.pdbx_db_accession          1Y9F 
_struct_ref.pdbx_db_isoform            ? 
_struct_ref.pdbx_seq_one_letter_code   ? 
_struct_ref.pdbx_align_begin           ? 
# 
loop_
_struct_ref_seq.align_id 
_struct_ref_seq.ref_id 
_struct_ref_seq.pdbx_PDB_id_code 
_struct_ref_seq.pdbx_strand_id 
_struct_ref_seq.seq_align_beg 
_struct_ref_seq.pdbx_seq_align_beg_ins_code 
_struct_ref_seq.seq_align_end 
_struct_ref_seq.pdbx_seq_align_end_ins_code 
_struct_ref_seq.pdbx_db_accession 
_struct_ref_seq.db_align_beg 
_struct_ref_seq.pdbx_db_align_beg_ins_code 
_struct_ref_seq.db_align_end 
_struct_ref_seq.pdbx_db_align_end_ins_code 
_struct_ref_seq.pdbx_auth_seq_align_beg 
_struct_ref_seq.pdbx_auth_seq_align_end 
1 1 1Y9F A 1 ? 10 ? 1Y9F 1  ? 10 ? 1  10 
2 1 1Y9F B 1 ? 10 ? 1Y9F 11 ? 20 ? 11 20 
# 
loop_
_chem_comp.id 
_chem_comp.type 
_chem_comp.mon_nstd_flag 
_chem_comp.name 
_chem_comp.pdbx_synonyms 
_chem_comp.formula 
_chem_comp.formula_weight 
2AT 'RNA linking' n 
;2'-O-ALLYL THYMIDINE-5'-MONOPHOSPHATE
;
? 'C13 H19 N2 O9 P' 378.272 
DA  'DNA linking' y "2'-DEOXYADENOSINE-5'-MONOPHOSPHATE"    ? 'C10 H14 N5 O6 P' 331.222 
DC  'DNA linking' y "2'-DEOXYCYTIDINE-5'-MONOPHOSPHATE"     ? 'C9 H14 N3 O7 P'  307.197 
DG  'DNA linking' y "2'-DEOXYGUANOSINE-5'-MONOPHOSPHATE"    ? 'C10 H14 N5 O7 P' 347.221 
DT  'DNA linking' y "THYMIDINE-5'-MONOPHOSPHATE"            ? 'C10 H15 N2 O8 P' 322.208 
HOH non-polymer   . WATER                                   ? 'H2 O'            18.015  
# 
_exptl.entry_id          1Y9F 
_exptl.method            'X-RAY DIFFRACTION' 
_exptl.crystals_number   1 
# 
_exptl_crystal.id                    1 
_exptl_crystal.density_meas          ? 
_exptl_crystal.density_Matthews      2.05 
_exptl_crystal.density_percent_sol   39.93 
_exptl_crystal.description           ? 
_exptl_crystal.F_000                 ? 
_exptl_crystal.preparation           ? 
# 
_exptl_crystal_grow.crystal_id      1 
_exptl_crystal_grow.method          'VAPOR DIFFUSION, HANGING DROP' 
_exptl_crystal_grow.temp            295 
_exptl_crystal_grow.temp_details    ? 
_exptl_crystal_grow.pH              6.0 
_exptl_crystal_grow.pdbx_details    
'10%MPD, 40mM Na-Cacodilate, 12 mM Spermine, 80mM KCL, pH 6.0, VAPOR DIFFUSION, HANGING DROP, temperature 295K' 
_exptl_crystal_grow.pdbx_pH_range   . 
# 
loop_
_exptl_crystal_grow_comp.crystal_id 
_exptl_crystal_grow_comp.id 
_exptl_crystal_grow_comp.sol_id 
_exptl_crystal_grow_comp.name 
_exptl_crystal_grow_comp.volume 
_exptl_crystal_grow_comp.conc 
_exptl_crystal_grow_comp.details 
1 1 1 MPD           ? ? ? 
1 2 1 Na-Cacodilate ? ? ? 
1 3 1 Spermine      ? ? ? 
1 4 1 KCL           ? ? ? 
1 5 1 H2O           ? ? ? 
1 6 2 MPD           ? ? ? 
1 7 2 Na-Cacodilate ? ? ? 
1 8 2 KCL           ? ? ? 
# 
_diffrn.id                     1 
_diffrn.ambient_temp           110 
_diffrn.ambient_temp_details   ? 
_diffrn.crystal_id             1 
# 
_diffrn_detector.diffrn_id              1 
_diffrn_detector.detector               'IMAGE PLATE' 
_diffrn_detector.type                   'RIGAKU RAXIS IIC' 
_diffrn_detector.pdbx_collection_date   1998-07-17 
_diffrn_detector.details                Mirrors 
# 
_diffrn_radiation.diffrn_id                        1 
_diffrn_radiation.wavelength_id                    1 
_diffrn_radiation.pdbx_monochromatic_or_laue_m_l   M 
_diffrn_radiation.monochromator                    ? 
_diffrn_radiation.pdbx_diffrn_protocol             'SINGLE WAVELENGTH' 
_diffrn_radiation.pdbx_scattering_type             x-ray 
# 
_diffrn_radiation_wavelength.id           1 
_diffrn_radiation_wavelength.wavelength   1.5418 
_diffrn_radiation_wavelength.wt           1.0 
# 
_diffrn_source.diffrn_id                   1 
_diffrn_source.source                      'ROTATING ANODE' 
_diffrn_source.type                        'RIGAKU RU200' 
_diffrn_source.pdbx_synchrotron_site       ? 
_diffrn_source.pdbx_synchrotron_beamline   ? 
_diffrn_source.pdbx_wavelength             1.5418 
_diffrn_source.pdbx_wavelength_list        ? 
# 
_reflns.entry_id                     1Y9F 
_reflns.observed_criterion_sigma_F   ? 
_reflns.observed_criterion_sigma_I   -3.0 
_reflns.d_resolution_high            1.60 
_reflns.d_resolution_low             35.00 
_reflns.number_all                   6760 
_reflns.number_obs                   6760 
_reflns.percent_possible_obs         94.1 
_reflns.pdbx_Rmerge_I_obs            0.071 
_reflns.pdbx_Rsym_value              ? 
_reflns.pdbx_netI_over_sigmaI        25.5 
_reflns.B_iso_Wilson_estimate        ? 
_reflns.pdbx_redundancy              7.2 
_reflns.R_free_details               ? 
_reflns.pdbx_chi_squared             ? 
_reflns.pdbx_scaling_rejects         ? 
_reflns.pdbx_diffrn_id               1 
_reflns.pdbx_ordinal                 1 
# 
_reflns_shell.d_res_high             1.60 
_reflns_shell.d_res_low              1.66 
_reflns_shell.percent_possible_all   77.9 
_reflns_shell.Rmerge_I_obs           0.222 
_reflns_shell.pdbx_Rsym_value        ? 
_reflns_shell.meanI_over_sigI_obs    3.3 
_reflns_shell.pdbx_redundancy        2.4 
_reflns_shell.percent_possible_obs   ? 
_reflns_shell.number_unique_all      549 
_reflns_shell.number_measured_all    ? 
_reflns_shell.number_measured_obs    ? 
_reflns_shell.number_unique_obs      ? 
_reflns_shell.pdbx_chi_squared       ? 
_reflns_shell.pdbx_diffrn_id         ? 
_reflns_shell.pdbx_ordinal           1 
# 
_refine.entry_id                                 1Y9F 
_refine.ls_d_res_high                            1.60 
_refine.ls_d_res_low                             20.0 
_refine.pdbx_ls_sigma_F                          0.0 
_refine.pdbx_ls_sigma_I                          ? 
_refine.ls_number_reflns_all                     6528 
_refine.ls_number_reflns_obs                     6528 
_refine.ls_number_reflns_R_free                  712 
_refine.ls_percent_reflns_obs                    91.5 
_refine.ls_R_factor_all                          ? 
_refine.ls_R_factor_obs                          ? 
_refine.ls_R_factor_R_work                       0.1583 
_refine.ls_R_factor_R_free                       0.1852 
_refine.ls_redundancy_reflns_obs                 ? 
_refine.pdbx_data_cutoff_high_absF               ? 
_refine.pdbx_data_cutoff_low_absF                ? 
_refine.ls_number_parameters                     ? 
_refine.ls_number_restraints                     ? 
_refine.ls_percent_reflns_R_free                 ? 
_refine.ls_R_factor_R_free_error                 ? 
_refine.ls_R_factor_R_free_error_details         ? 
_refine.pdbx_method_to_determine_struct          'MOLECULAR REPLACEMENT' 
_refine.pdbx_starting_model                      'pdb entry 410D' 
_refine.pdbx_ls_cross_valid_method               THROUGHOUT 
_refine.pdbx_R_Free_selection_details            Random 
_refine.pdbx_stereochem_target_val_spec_case     ? 
_refine.pdbx_stereochemistry_target_values       ? 
_refine.solvent_model_details                    ? 
_refine.solvent_model_param_bsol                 ? 
_refine.solvent_model_param_ksol                 ? 
_refine.occupancy_max                            ? 
_refine.occupancy_min                            ? 
_refine.pdbx_isotropic_thermal_model             Isotropic 
_refine.B_iso_mean                               18.4 
_refine.aniso_B[1][1]                            1.586 
_refine.aniso_B[1][2]                            0.000 
_refine.aniso_B[1][3]                            0.000 
_refine.aniso_B[2][2]                            -4.721 
_refine.aniso_B[2][3]                            0.000 
_refine.aniso_B[3][3]                            3.135 
_refine.details                                  'Conjugate gradient refinement using maximum likelihood target for amplitudes' 
_refine.correlation_coeff_Fo_to_Fc               ? 
_refine.correlation_coeff_Fo_to_Fc_free          ? 
_refine.pdbx_solvent_vdw_probe_radii             ? 
_refine.pdbx_solvent_ion_probe_radii             ? 
_refine.pdbx_solvent_shrinkage_radii             ? 
_refine.overall_SU_R_Cruickshank_DPI             ? 
_refine.overall_SU_R_free                        ? 
_refine.overall_SU_B                             ? 
_refine.overall_SU_ML                            ? 
_refine.pdbx_overall_ESU_R                       ? 
_refine.pdbx_overall_ESU_R_Free                  ? 
_refine.pdbx_data_cutoff_high_rms_absF           ? 
_refine.ls_wR_factor_R_free                      ? 
_refine.ls_wR_factor_R_work                      ? 
_refine.overall_FOM_free_R_set                   ? 
_refine.overall_FOM_work_R_set                   ? 
_refine.pdbx_refine_id                           'X-RAY DIFFRACTION' 
_refine.pdbx_diffrn_id                           1 
_refine.pdbx_TLS_residual_ADP_flag               ? 
_refine.pdbx_overall_phase_error                 ? 
_refine.pdbx_overall_SU_R_free_Cruickshank_DPI   ? 
_refine.pdbx_overall_SU_R_Blow_DPI               ? 
_refine.pdbx_overall_SU_R_free_Blow_DPI          ? 
# 
_refine_hist.pdbx_refine_id                   'X-RAY DIFFRACTION' 
_refine_hist.cycle_id                         LAST 
_refine_hist.pdbx_number_atoms_protein        0 
_refine_hist.pdbx_number_atoms_nucleic_acid   412 
_refine_hist.pdbx_number_atoms_ligand         0 
_refine_hist.number_atoms_solvent             131 
_refine_hist.number_atoms_total               543 
_refine_hist.d_res_high                       1.60 
_refine_hist.d_res_low                        20.0 
# 
loop_
_refine_ls_restr.type 
_refine_ls_restr.dev_ideal 
_refine_ls_restr.dev_ideal_target 
_refine_ls_restr.weight 
_refine_ls_restr.number 
_refine_ls_restr.pdbx_refine_id 
_refine_ls_restr.pdbx_restraint_function 
c_bond_d    0.009 ? ? ? 'X-RAY DIFFRACTION' ? 
c_angle_deg 1.32  ? ? ? 'X-RAY DIFFRACTION' ? 
# 
_refine_ls_shell.pdbx_total_number_of_bins_used   ? 
_refine_ls_shell.d_res_high                       1.60 
_refine_ls_shell.d_res_low                        1.64 
_refine_ls_shell.number_reflns_R_work             ? 
_refine_ls_shell.R_factor_R_work                  0.2449 
_refine_ls_shell.percent_reflns_obs               55.3 
_refine_ls_shell.R_factor_R_free                  0.2706 
_refine_ls_shell.R_factor_R_free_error            ? 
_refine_ls_shell.percent_reflns_R_free            ? 
_refine_ls_shell.number_reflns_R_free             39 
_refine_ls_shell.redundancy_reflns_obs            ? 
_refine_ls_shell.pdbx_refine_id                   'X-RAY DIFFRACTION' 
_refine_ls_shell.number_reflns_all                ? 
_refine_ls_shell.R_factor_all                     ? 
# 
_struct.entry_id                  1Y9F 
_struct.title                     
;Crystal structure of the A-DNA GCGTAT*CGC with a 2'-O-allyl Thymidine (T*)
;
_struct.pdbx_model_details        ? 
_struct.pdbx_CASP_flag            ? 
_struct.pdbx_model_type_details   ? 
# 
_struct_keywords.entry_id        1Y9F 
_struct_keywords.pdbx_keywords   DNA 
_struct_keywords.text            
;A-DNA, O2'-modification, decamer, DNA
;
# 
loop_
_struct_asym.id 
_struct_asym.pdbx_blank_PDB_chainid_flag 
_struct_asym.pdbx_modified 
_struct_asym.entity_id 
_struct_asym.details 
A N N 1 ? 
B N N 1 ? 
C N N 2 ? 
D N N 2 ? 
# 
_struct_biol.id                    1 
_struct_biol.details               'Chains A and B form duplex' 
_struct_biol.pdbx_parent_biol_id   ? 
# 
loop_
_struct_conn.id 
_struct_conn.conn_type_id 
_struct_conn.pdbx_leaving_atom_flag 
_struct_conn.pdbx_PDB_id 
_struct_conn.ptnr1_label_asym_id 
_struct_conn.ptnr1_label_comp_id 
_struct_conn.ptnr1_label_seq_id 
_struct_conn.ptnr1_label_atom_id 
_struct_conn.pdbx_ptnr1_label_alt_id 
_struct_conn.pdbx_ptnr1_PDB_ins_code 
_struct_conn.pdbx_ptnr1_standard_comp_id 
_struct_conn.ptnr1_symmetry 
_struct_conn.ptnr2_label_asym_id 
_struct_conn.ptnr2_label_comp_id 
_struct_conn.ptnr2_label_seq_id 
_struct_conn.ptnr2_label_atom_id 
_struct_conn.pdbx_ptnr2_label_alt_id 
_struct_conn.pdbx_ptnr2_PDB_ins_code 
_struct_conn.ptnr1_auth_asym_id 
_struct_conn.ptnr1_auth_comp_id 
_struct_conn.ptnr1_auth_seq_id 
_struct_conn.ptnr2_auth_asym_id 
_struct_conn.ptnr2_auth_comp_id 
_struct_conn.ptnr2_auth_seq_id 
_struct_conn.ptnr2_symmetry 
_struct_conn.pdbx_ptnr3_label_atom_id 
_struct_conn.pdbx_ptnr3_label_seq_id 
_struct_conn.pdbx_ptnr3_label_comp_id 
_struct_conn.pdbx_ptnr3_label_asym_id 
_struct_conn.pdbx_ptnr3_label_alt_id 
_struct_conn.pdbx_ptnr3_PDB_ins_code 
_struct_conn.details 
_struct_conn.pdbx_dist_value 
_struct_conn.pdbx_value_order 
_struct_conn.pdbx_role 
covale1  covale both ? A DA  5  "O3'" ? ? ? 1_555 A 2AT 6  P  ? ? A DA  5  A 2AT 6  1_555 ? ? ? ? ? ? ?            1.599 ? ? 
covale2  covale both ? A 2AT 6  "O3'" ? ? ? 1_555 A DA  7  P  ? ? A 2AT 6  A DA  7  1_555 ? ? ? ? ? ? ?            1.605 ? ? 
covale3  covale both ? B DA  5  "O3'" ? ? ? 1_555 B 2AT 6  P  ? ? B DA  15 B 2AT 16 1_555 ? ? ? ? ? ? ?            1.598 ? ? 
covale4  covale both ? B 2AT 6  "O3'" ? ? ? 1_555 B DA  7  P  ? ? B 2AT 16 B DA  17 1_555 ? ? ? ? ? ? ?            1.592 ? ? 
hydrog1  hydrog ?    ? A DG  1  N1    ? ? ? 1_555 B DC  10 N3 ? ? A DG  1  B DC  20 1_555 ? ? ? ? ? ? WATSON-CRICK ?     ? ? 
hydrog2  hydrog ?    ? A DG  1  N2    ? ? ? 1_555 B DC  10 O2 ? ? A DG  1  B DC  20 1_555 ? ? ? ? ? ? WATSON-CRICK ?     ? ? 
hydrog3  hydrog ?    ? A DG  1  O6    ? ? ? 1_555 B DC  10 N4 ? ? A DG  1  B DC  20 1_555 ? ? ? ? ? ? WATSON-CRICK ?     ? ? 
hydrog4  hydrog ?    ? A DC  2  N3    ? ? ? 1_555 B DG  9  N1 ? ? A DC  2  B DG  19 1_555 ? ? ? ? ? ? WATSON-CRICK ?     ? ? 
hydrog5  hydrog ?    ? A DC  2  N4    ? ? ? 1_555 B DG  9  O6 ? ? A DC  2  B DG  19 1_555 ? ? ? ? ? ? WATSON-CRICK ?     ? ? 
hydrog6  hydrog ?    ? A DC  2  O2    ? ? ? 1_555 B DG  9  N2 ? ? A DC  2  B DG  19 1_555 ? ? ? ? ? ? WATSON-CRICK ?     ? ? 
hydrog7  hydrog ?    ? A DG  3  N1    ? ? ? 1_555 B DC  8  N3 ? ? A DG  3  B DC  18 1_555 ? ? ? ? ? ? WATSON-CRICK ?     ? ? 
hydrog8  hydrog ?    ? A DG  3  N2    ? ? ? 1_555 B DC  8  O2 ? ? A DG  3  B DC  18 1_555 ? ? ? ? ? ? WATSON-CRICK ?     ? ? 
hydrog9  hydrog ?    ? A DG  3  O6    ? ? ? 1_555 B DC  8  N4 ? ? A DG  3  B DC  18 1_555 ? ? ? ? ? ? WATSON-CRICK ?     ? ? 
hydrog10 hydrog ?    ? A DT  4  N3    ? ? ? 1_555 B DA  7  N1 ? ? A DT  4  B DA  17 1_555 ? ? ? ? ? ? WATSON-CRICK ?     ? ? 
hydrog11 hydrog ?    ? A DT  4  O4    ? ? ? 1_555 B DA  7  N6 ? ? A DT  4  B DA  17 1_555 ? ? ? ? ? ? WATSON-CRICK ?     ? ? 
hydrog12 hydrog ?    ? A DA  5  N1    ? ? ? 1_555 B 2AT 6  N3 ? ? A DA  5  B 2AT 16 1_555 ? ? ? ? ? ? WATSON-CRICK ?     ? ? 
hydrog13 hydrog ?    ? A DA  5  N6    ? ? ? 1_555 B 2AT 6  O4 ? ? A DA  5  B 2AT 16 1_555 ? ? ? ? ? ? WATSON-CRICK ?     ? ? 
hydrog14 hydrog ?    ? A 2AT 6  N3    ? ? ? 1_555 B DA  5  N1 ? ? A 2AT 6  B DA  15 1_555 ? ? ? ? ? ? WATSON-CRICK ?     ? ? 
hydrog15 hydrog ?    ? A 2AT 6  O4    ? ? ? 1_555 B DA  5  N6 ? ? A 2AT 6  B DA  15 1_555 ? ? ? ? ? ? WATSON-CRICK ?     ? ? 
hydrog16 hydrog ?    ? A DA  7  N1    ? ? ? 1_555 B DT  4  N3 ? ? A DA  7  B DT  14 1_555 ? ? ? ? ? ? WATSON-CRICK ?     ? ? 
hydrog17 hydrog ?    ? A DA  7  N6    ? ? ? 1_555 B DT  4  O4 ? ? A DA  7  B DT  14 1_555 ? ? ? ? ? ? WATSON-CRICK ?     ? ? 
hydrog18 hydrog ?    ? A DC  8  N3    ? ? ? 1_555 B DG  3  N1 ? ? A DC  8  B DG  13 1_555 ? ? ? ? ? ? WATSON-CRICK ?     ? ? 
hydrog19 hydrog ?    ? A DC  8  N4    ? ? ? 1_555 B DG  3  O6 ? ? A DC  8  B DG  13 1_555 ? ? ? ? ? ? WATSON-CRICK ?     ? ? 
hydrog20 hydrog ?    ? A DC  8  O2    ? ? ? 1_555 B DG  3  N2 ? ? A DC  8  B DG  13 1_555 ? ? ? ? ? ? WATSON-CRICK ?     ? ? 
hydrog21 hydrog ?    ? A DG  9  N1    ? ? ? 1_555 B DC  2  N3 ? ? A DG  9  B DC  12 1_555 ? ? ? ? ? ? WATSON-CRICK ?     ? ? 
hydrog22 hydrog ?    ? A DG  9  N2    ? ? ? 1_555 B DC  2  O2 ? ? A DG  9  B DC  12 1_555 ? ? ? ? ? ? WATSON-CRICK ?     ? ? 
hydrog23 hydrog ?    ? A DG  9  O6    ? ? ? 1_555 B DC  2  N4 ? ? A DG  9  B DC  12 1_555 ? ? ? ? ? ? WATSON-CRICK ?     ? ? 
hydrog24 hydrog ?    ? A DC  10 N3    ? ? ? 1_555 B DG  1  N1 ? ? A DC  10 B DG  11 1_555 ? ? ? ? ? ? WATSON-CRICK ?     ? ? 
hydrog25 hydrog ?    ? A DC  10 N4    ? ? ? 1_555 B DG  1  O6 ? ? A DC  10 B DG  11 1_555 ? ? ? ? ? ? WATSON-CRICK ?     ? ? 
hydrog26 hydrog ?    ? A DC  10 O2    ? ? ? 1_555 B DG  1  N2 ? ? A DC  10 B DG  11 1_555 ? ? ? ? ? ? WATSON-CRICK ?     ? ? 
# 
loop_
_struct_conn_type.id 
_struct_conn_type.criteria 
_struct_conn_type.reference 
covale ? ? 
hydrog ? ? 
# 
_atom_sites.entry_id                    1Y9F 
_atom_sites.fract_transf_matrix[1][1]   0.02762248 
_atom_sites.fract_transf_matrix[1][2]   0.02648692 
_atom_sites.fract_transf_matrix[1][3]   0.01323041 
_atom_sites.fract_transf_matrix[2][1]   0.01611074 
_atom_sites.fract_transf_matrix[2][2]   -0.01461442 
_atom_sites.fract_transf_matrix[2][3]   -0.00437836 
_atom_sites.fract_transf_matrix[3][1]   0.00188727 
_atom_sites.fract_transf_matrix[3][2]   0.00814783 
_atom_sites.fract_transf_matrix[3][3]   -0.02025199 
_atom_sites.fract_transf_vector[1]      0.135568 
_atom_sites.fract_transf_vector[2]      0.045788 
_atom_sites.fract_transf_vector[3]      0.256781 
# 
loop_
_atom_type.symbol 
C 
N 
O 
P 
# 
loop_
_atom_site.group_PDB 
_atom_site.id 
_atom_site.type_symbol 
_atom_site.label_atom_id 
_atom_site.label_alt_id 
_atom_site.label_comp_id 
_atom_site.label_asym_id 
_atom_site.label_entity_id 
_atom_site.label_seq_id 
_atom_site.pdbx_PDB_ins_code 
_atom_site.Cartn_x 
_atom_site.Cartn_y 
_atom_site.Cartn_z 
_atom_site.occupancy 
_atom_site.B_iso_or_equiv 
_atom_site.pdbx_formal_charge 
_atom_site.auth_seq_id 
_atom_site.auth_comp_id 
_atom_site.auth_asym_id 
_atom_site.auth_atom_id 
_atom_site.pdbx_PDB_model_num 
ATOM   1   O "O5'" . DG  A 1 1  ? -10.894 1.879   -5.648  1.00 29.92 ? 1   DG  A "O5'" 1 
ATOM   2   C "C5'" . DG  A 1 1  ? -11.207 3.193   -6.104  1.00 24.21 ? 1   DG  A "C5'" 1 
ATOM   3   C "C4'" . DG  A 1 1  ? -11.944 3.976   -5.043  1.00 22.45 ? 1   DG  A "C4'" 1 
ATOM   4   O "O4'" . DG  A 1 1  ? -13.036 3.183   -4.528  1.00 20.95 ? 1   DG  A "O4'" 1 
ATOM   5   C "C3'" . DG  A 1 1  ? -11.123 4.373   -3.818  1.00 20.17 ? 1   DG  A "C3'" 1 
ATOM   6   O "O3'" . DG  A 1 1  ? -10.438 5.608   -4.067  1.00 21.41 ? 1   DG  A "O3'" 1 
ATOM   7   C "C2'" . DG  A 1 1  ? -12.200 4.544   -2.760  1.00 16.05 ? 1   DG  A "C2'" 1 
ATOM   8   C "C1'" . DG  A 1 1  ? -13.196 3.428   -3.115  1.00 18.27 ? 1   DG  A "C1'" 1 
ATOM   9   N N9    . DG  A 1 1  ? -12.921 2.168   -2.411  1.00 17.45 ? 1   DG  A N9    1 
ATOM   10  C C8    . DG  A 1 1  ? -12.558 0.962   -2.972  1.00 18.61 ? 1   DG  A C8    1 
ATOM   11  N N7    . DG  A 1 1  ? -12.363 0.016   -2.081  1.00 16.64 ? 1   DG  A N7    1 
ATOM   12  C C5    . DG  A 1 1  ? -12.633 0.636   -0.857  1.00 16.05 ? 1   DG  A C5    1 
ATOM   13  C C6    . DG  A 1 1  ? -12.614 0.114   0.479   1.00 16.76 ? 1   DG  A C6    1 
ATOM   14  O O6    . DG  A 1 1  ? -12.375 -1.061  0.860   1.00 13.76 ? 1   DG  A O6    1 
ATOM   15  N N1    . DG  A 1 1  ? -12.934 1.112   1.425   1.00 13.63 ? 1   DG  A N1    1 
ATOM   16  C C2    . DG  A 1 1  ? -13.263 2.396   1.124   1.00 13.76 ? 1   DG  A C2    1 
ATOM   17  N N2    . DG  A 1 1  ? -13.546 3.199   2.171   1.00 15.81 ? 1   DG  A N2    1 
ATOM   18  N N3    . DG  A 1 1  ? -13.312 2.877   -0.116  1.00 13.45 ? 1   DG  A N3    1 
ATOM   19  C C4    . DG  A 1 1  ? -12.974 1.957   -1.043  1.00 14.40 ? 1   DG  A C4    1 
ATOM   20  P P     . DC  A 1 2  ? -8.956  5.844   -3.487  1.00 23.34 ? 2   DC  A P     1 
ATOM   21  O OP1   . DC  A 1 2  ? -8.458  7.072   -4.172  1.00 25.54 ? 2   DC  A OP1   1 
ATOM   22  O OP2   . DC  A 1 2  ? -8.189  4.556   -3.601  1.00 17.43 ? 2   DC  A OP2   1 
ATOM   23  O "O5'" . DC  A 1 2  ? -9.168  6.190   -1.948  1.00 18.12 ? 2   DC  A "O5'" 1 
ATOM   24  C "C5'" . DC  A 1 2  ? -10.058 7.229   -1.529  1.00 17.81 ? 2   DC  A "C5'" 1 
ATOM   25  C "C4'" . DC  A 1 2  ? -10.341 7.099   -0.047  1.00 20.07 ? 2   DC  A "C4'" 1 
ATOM   26  O "O4'" . DC  A 1 2  ? -11.061 5.866   0.206   1.00 18.60 ? 2   DC  A "O4'" 1 
ATOM   27  C "C3'" . DC  A 1 2  ? -9.099  7.007   0.830   1.00 18.19 ? 2   DC  A "C3'" 1 
ATOM   28  O "O3'" . DC  A 1 2  ? -8.633  8.305   1.155   1.00 19.67 ? 2   DC  A "O3'" 1 
ATOM   29  C "C2'" . DC  A 1 2  ? -9.595  6.240   2.046   1.00 17.28 ? 2   DC  A "C2'" 1 
ATOM   30  C "C1'" . DC  A 1 2  ? -10.639 5.296   1.442   1.00 16.60 ? 2   DC  A "C1'" 1 
ATOM   31  N N1    . DC  A 1 2  ? -10.154 3.926   1.175   1.00 14.38 ? 2   DC  A N1    1 
ATOM   32  C C2    . DC  A 1 2  ? -10.180 3.002   2.255   1.00 15.83 ? 2   DC  A C2    1 
ATOM   33  O O2    . DC  A 1 2  ? -10.535 3.417   3.361   1.00 14.13 ? 2   DC  A O2    1 
ATOM   34  N N3    . DC  A 1 2  ? -9.806  1.722   2.060   1.00 13.93 ? 2   DC  A N3    1 
ATOM   35  C C4    . DC  A 1 2  ? -9.416  1.327   0.843   1.00 15.09 ? 2   DC  A C4    1 
ATOM   36  N N4    . DC  A 1 2  ? -9.117  0.029   0.683   1.00 13.95 ? 2   DC  A N4    1 
ATOM   37  C C5    . DC  A 1 2  ? -9.336  2.252   -0.274  1.00 12.43 ? 2   DC  A C5    1 
ATOM   38  C C6    . DC  A 1 2  ? -9.710  3.531   -0.058  1.00 15.98 ? 2   DC  A C6    1 
ATOM   39  P P     . DG  A 1 3  ? -7.150  8.492   1.737   1.00 21.43 ? 3   DG  A P     1 
ATOM   40  O OP1   . DG  A 1 3  ? -7.039  9.951   1.970   1.00 22.23 ? 3   DG  A OP1   1 
ATOM   41  O OP2   . DG  A 1 3  ? -6.172  7.784   0.871   1.00 19.88 ? 3   DG  A OP2   1 
ATOM   42  O "O5'" . DG  A 1 3  ? -7.225  7.737   3.152   1.00 17.11 ? 3   DG  A "O5'" 1 
ATOM   43  C "C5'" . DG  A 1 3  ? -6.092  7.007   3.684   1.00 10.40 ? 3   DG  A "C5'" 1 
ATOM   44  C "C4'" . DG  A 1 3  ? -6.541  6.220   4.895   1.00 13.98 ? 3   DG  A "C4'" 1 
ATOM   45  O "O4'" . DG  A 1 3  ? -7.432  5.153   4.493   1.00 12.32 ? 3   DG  A "O4'" 1 
ATOM   46  C "C3'" . DG  A 1 3  ? -5.423  5.531   5.648   1.00 11.21 ? 3   DG  A "C3'" 1 
ATOM   47  O "O3'" . DG  A 1 3  ? -4.874  6.414   6.609   1.00 12.07 ? 3   DG  A "O3'" 1 
ATOM   48  C "C2'" . DG  A 1 3  ? -6.138  4.383   6.334   1.00 13.63 ? 3   DG  A "C2'" 1 
ATOM   49  C "C1'" . DG  A 1 3  ? -7.220  4.021   5.310   1.00 11.09 ? 3   DG  A "C1'" 1 
ATOM   50  N N9    . DG  A 1 3  ? -6.865  2.913   4.432   1.00 14.52 ? 3   DG  A N9    1 
ATOM   51  C C8    . DG  A 1 3  ? -6.744  2.950   3.064   1.00 14.57 ? 3   DG  A C8    1 
ATOM   52  N N7    . DG  A 1 3  ? -6.473  1.786   2.549   1.00 14.15 ? 3   DG  A N7    1 
ATOM   53  C C5    . DG  A 1 3  ? -6.401  0.936   3.644   1.00 12.71 ? 3   DG  A C5    1 
ATOM   54  C C6    . DG  A 1 3  ? -6.157  -0.452  3.709   1.00 13.35 ? 3   DG  A C6    1 
ATOM   55  O O6    . DG  A 1 3  ? -5.965  -1.247  2.769   1.00 15.87 ? 3   DG  A O6    1 
ATOM   56  N N1    . DG  A 1 3  ? -6.142  -0.911  5.026   1.00 12.11 ? 3   DG  A N1    1 
ATOM   57  C C2    . DG  A 1 3  ? -6.345  -0.123  6.136   1.00 12.28 ? 3   DG  A C2    1 
ATOM   58  N N2    . DG  A 1 3  ? -6.219  -0.721  7.331   1.00 12.50 ? 3   DG  A N2    1 
ATOM   59  N N3    . DG  A 1 3  ? -6.622  1.168   6.075   1.00 11.77 ? 3   DG  A N3    1 
ATOM   60  C C4    . DG  A 1 3  ? -6.626  1.625   4.812   1.00 13.19 ? 3   DG  A C4    1 
ATOM   61  P P     . DT  A 1 4  ? -3.358  6.226   7.083   1.00 14.55 ? 4   DT  A P     1 
ATOM   62  O OP1   . DT  A 1 4  ? -3.060  7.405   7.978   1.00 16.13 ? 4   DT  A OP1   1 
ATOM   63  O OP2   . DT  A 1 4  ? -2.456  5.935   5.957   1.00 14.47 ? 4   DT  A OP2   1 
ATOM   64  O "O5'" . DT  A 1 4  ? -3.398  4.889   7.953   1.00 15.49 ? 4   DT  A "O5'" 1 
ATOM   65  C "C5'" . DT  A 1 4  ? -3.782  4.899   9.336   1.00 15.36 ? 4   DT  A "C5'" 1 
ATOM   66  C "C4'" . DT  A 1 4  ? -3.408  3.583   9.983   1.00 15.10 ? 4   DT  A "C4'" 1 
ATOM   67  O "O4'" . DT  A 1 4  ? -4.119  2.491   9.342   1.00 14.50 ? 4   DT  A "O4'" 1 
ATOM   68  C "C3'" . DT  A 1 4  ? -1.942  3.216   9.806   1.00 14.23 ? 4   DT  A "C3'" 1 
ATOM   69  O "O3'" . DT  A 1 4  ? -1.114  3.858   10.774  1.00 12.75 ? 4   DT  A "O3'" 1 
ATOM   70  C "C2'" . DT  A 1 4  ? -1.954  1.703   9.946   1.00 10.24 ? 4   DT  A "C2'" 1 
ATOM   71  C "C1'" . DT  A 1 4  ? -3.277  1.321   9.310   1.00 14.11 ? 4   DT  A "C1'" 1 
ATOM   72  N N1    . DT  A 1 4  ? -3.136  0.896   7.891   1.00 10.78 ? 4   DT  A N1    1 
ATOM   73  C C2    . DT  A 1 4  ? -2.929  -0.446  7.609   1.00 10.71 ? 4   DT  A C2    1 
ATOM   74  O O2    . DT  A 1 4  ? -2.755  -1.296  8.469   1.00 11.41 ? 4   DT  A O2    1 
ATOM   75  N N3    . DT  A 1 4  ? -2.910  -0.749  6.269   1.00 11.49 ? 4   DT  A N3    1 
ATOM   76  C C4    . DT  A 1 4  ? -3.020  0.137   5.205   1.00 7.97  ? 4   DT  A C4    1 
ATOM   77  O O4    . DT  A 1 4  ? -3.016  -0.268  4.032   1.00 9.06  ? 4   DT  A O4    1 
ATOM   78  C C5    . DT  A 1 4  ? -3.151  1.525   5.575   1.00 9.89  ? 4   DT  A C5    1 
ATOM   79  C C7    . DT  A 1 4  ? -3.184  2.561   4.492   1.00 7.76  ? 4   DT  A C7    1 
ATOM   80  C C6    . DT  A 1 4  ? -3.226  1.826   6.877   1.00 11.22 ? 4   DT  A C6    1 
ATOM   81  P P     . DA  A 1 5  ? 0.372   4.267   10.370  1.00 15.72 ? 5   DA  A P     1 
ATOM   82  O OP1   . DA  A 1 5  ? 0.934   4.883   11.591  1.00 18.81 ? 5   DA  A OP1   1 
ATOM   83  O OP2   . DA  A 1 5  ? 0.455   4.986   9.082   1.00 15.58 ? 5   DA  A OP2   1 
ATOM   84  O "O5'" . DA  A 1 5  ? 1.100   2.858   10.228  1.00 14.67 ? 5   DA  A "O5'" 1 
ATOM   85  C "C5'" . DA  A 1 5  ? 1.986   2.580   9.163   1.00 14.84 ? 5   DA  A "C5'" 1 
ATOM   86  C "C4'" . DA  A 1 5  ? 2.334   1.110   9.181   1.00 14.80 ? 5   DA  A "C4'" 1 
ATOM   87  O "O4'" . DA  A 1 5  ? 1.170   0.356   8.783   1.00 15.33 ? 5   DA  A "O4'" 1 
ATOM   88  C "C3'" . DA  A 1 5  ? 3.410   0.678   8.206   1.00 14.31 ? 5   DA  A "C3'" 1 
ATOM   89  O "O3'" . DA  A 1 5  ? 4.705   0.847   8.773   1.00 15.74 ? 5   DA  A "O3'" 1 
ATOM   90  C "C2'" . DA  A 1 5  ? 3.087   -0.791  8.014   1.00 15.49 ? 5   DA  A "C2'" 1 
ATOM   91  C "C1'" . DA  A 1 5  ? 1.562   -0.788  8.025   1.00 14.01 ? 5   DA  A "C1'" 1 
ATOM   92  N N9    . DA  A 1 5  ? 1.017   -0.639  6.670   1.00 12.16 ? 5   DA  A N9    1 
ATOM   93  C C8    . DA  A 1 5  ? 0.564   0.503   6.049   1.00 11.22 ? 5   DA  A C8    1 
ATOM   94  N N7    . DA  A 1 5  ? 0.170   0.313   4.817   1.00 9.95  ? 5   DA  A N7    1 
ATOM   95  C C5    . DA  A 1 5  ? 0.382   -1.047  4.607   1.00 11.16 ? 5   DA  A C5    1 
ATOM   96  C C6    . DA  A 1 5  ? 0.155   -1.881  3.488   1.00 10.86 ? 5   DA  A C6    1 
ATOM   97  N N6    . DA  A 1 5  ? -0.324  -1.443  2.328   1.00 9.13  ? 5   DA  A N6    1 
ATOM   98  N N1    . DA  A 1 5  ? 0.452   -3.189  3.623   1.00 11.80 ? 5   DA  A N1    1 
ATOM   99  C C2    . DA  A 1 5  ? 0.936   -3.631  4.799   1.00 10.64 ? 5   DA  A C2    1 
ATOM   100 N N3    . DA  A 1 5  ? 1.188   -2.962  5.904   1.00 11.72 ? 5   DA  A N3    1 
ATOM   101 C C4    . DA  A 1 5  ? 0.886   -1.648  5.740   1.00 10.68 ? 5   DA  A C4    1 
HETATM 102 P P     . 2AT A 1 6  ? 5.954   1.173   7.829   1.00 14.98 ? 6   2AT A P     1 
HETATM 103 O OP1   . 2AT A 1 6  ? 7.060   1.333   8.828   1.00 17.70 ? 6   2AT A OP1   1 
HETATM 104 O OP2   . 2AT A 1 6  ? 5.653   2.279   6.878   1.00 17.86 ? 6   2AT A OP2   1 
HETATM 105 O "O5'" . 2AT A 1 6  ? 6.185   -0.177  7.062   1.00 13.94 ? 6   2AT A "O5'" 1 
HETATM 106 C "C5'" . 2AT A 1 6  ? 6.523   -1.334  7.792   1.00 15.46 ? 6   2AT A "C5'" 1 
HETATM 107 C "C4'" . 2AT A 1 6  ? 6.567   -2.518  6.880   1.00 16.36 ? 6   2AT A "C4'" 1 
HETATM 108 O "O4'" . 2AT A 1 6  ? 5.221   -2.839  6.446   1.00 17.79 ? 6   2AT A "O4'" 1 
HETATM 109 C "C1'" . 2AT A 1 6  ? 5.266   -3.326  5.105   1.00 14.66 ? 6   2AT A "C1'" 1 
HETATM 110 N N1    . 2AT A 1 6  ? 4.518   -2.394  4.222   1.00 13.90 ? 6   2AT A N1    1 
HETATM 111 C C6    . 2AT A 1 6  ? 4.352   -1.057  4.523   1.00 13.37 ? 6   2AT A C6    1 
HETATM 112 C C2    . 2AT A 1 6  ? 4.011   -2.939  3.066   1.00 13.30 ? 6   2AT A C2    1 
HETATM 113 O O2    . 2AT A 1 6  ? 4.208   -4.107  2.745   1.00 14.82 ? 6   2AT A O2    1 
HETATM 114 N N3    . 2AT A 1 6  ? 3.306   -2.073  2.279   1.00 11.62 ? 6   2AT A N3    1 
HETATM 115 C C4    . 2AT A 1 6  ? 3.119   -0.718  2.491   1.00 12.78 ? 6   2AT A C4    1 
HETATM 116 O O4    . 2AT A 1 6  ? 2.531   -0.057  1.671   1.00 13.43 ? 6   2AT A O4    1 
HETATM 117 C C5    . 2AT A 1 6  ? 3.689   -0.196  3.714   1.00 13.41 ? 6   2AT A C5    1 
HETATM 118 C C5M   . 2AT A 1 6  ? 3.530   1.257   4.012   1.00 13.49 ? 6   2AT A C5M   1 
HETATM 119 C "C2'" . 2AT A 1 6  ? 6.744   -3.402  4.707   1.00 12.06 ? 6   2AT A "C2'" 1 
HETATM 120 O "O2'" . 2AT A 1 6  ? 7.236   -4.666  5.157   1.00 15.93 ? 6   2AT A "O2'" 1 
HETATM 121 C "CB'" . 2AT A 1 6  ? 6.839   -5.782  4.360   1.00 15.66 ? 6   2AT A "CB'" 1 
HETATM 122 C "CC'" . 2AT A 1 6  ? 7.354   -7.072  4.931   1.00 21.70 ? 6   2AT A "CC'" 1 
HETATM 123 C "CD'" . 2AT A 1 6  ? 6.551   -7.968  5.525   1.00 28.15 ? 6   2AT A "CD'" 1 
HETATM 124 C "C3'" . 2AT A 1 6  ? 7.328   -2.308  5.578   1.00 13.30 ? 6   2AT A "C3'" 1 
HETATM 125 O "O3'" . 2AT A 1 6  ? 8.732   -2.418  5.729   1.00 16.61 ? 6   2AT A "O3'" 1 
ATOM   126 P P     . DA  A 1 7  ? 9.700   -1.568  4.771   1.00 17.56 ? 7   DA  A P     1 
ATOM   127 O OP1   . DA  A 1 7  ? 11.079  -1.807  5.303   1.00 21.54 ? 7   DA  A OP1   1 
ATOM   128 O OP2   . DA  A 1 7  ? 9.196   -0.179  4.545   1.00 15.46 ? 7   DA  A OP2   1 
ATOM   129 O "O5'" . DA  A 1 7  ? 9.653   -2.318  3.364   1.00 14.72 ? 7   DA  A "O5'" 1 
ATOM   130 C "C5'" . DA  A 1 7  ? 10.118  -3.673  3.258   1.00 12.44 ? 7   DA  A "C5'" 1 
ATOM   131 C "C4'" . DA  A 1 7  ? 9.812   -4.240  1.892   1.00 11.60 ? 7   DA  A "C4'" 1 
ATOM   132 O "O4'" . DA  A 1 7  ? 8.387   -4.452  1.723   1.00 11.13 ? 7   DA  A "O4'" 1 
ATOM   133 C "C3'" . DA  A 1 7  ? 10.212  -3.364  0.704   1.00 12.53 ? 7   DA  A "C3'" 1 
ATOM   134 O "O3'" . DA  A 1 7  ? 11.605  -3.476  0.403   1.00 14.68 ? 7   DA  A "O3'" 1 
ATOM   135 C "C2'" . DA  A 1 7  ? 9.336   -3.934  -0.396  1.00 13.75 ? 7   DA  A "C2'" 1 
ATOM   136 C "C1'" . DA  A 1 7  ? 8.038   -4.247  0.362   1.00 9.68  ? 7   DA  A "C1'" 1 
ATOM   137 N N9    . DA  A 1 7  ? 7.142   -3.095  0.305   1.00 13.84 ? 7   DA  A N9    1 
ATOM   138 C C8    . DA  A 1 7  ? 7.048   -2.019  1.159   1.00 12.95 ? 7   DA  A C8    1 
ATOM   139 N N7    . DA  A 1 7  ? 6.167   -1.130  0.787   1.00 15.25 ? 7   DA  A N7    1 
ATOM   140 C C5    . DA  A 1 7  ? 5.641   -1.663  -0.384  1.00 10.49 ? 7   DA  A C5    1 
ATOM   141 C C6    . DA  A 1 7  ? 4.664   -1.203  -1.280  1.00 13.30 ? 7   DA  A C6    1 
ATOM   142 N N6    . DA  A 1 7  ? 3.992   -0.062  -1.114  1.00 14.12 ? 7   DA  A N6    1 
ATOM   143 N N1    . DA  A 1 7  ? 4.393   -1.971  -2.356  1.00 13.02 ? 7   DA  A N1    1 
ATOM   144 C C2    . DA  A 1 7  ? 5.061   -3.122  -2.513  1.00 13.73 ? 7   DA  A C2    1 
ATOM   145 N N3    . DA  A 1 7  ? 5.990   -3.664  -1.740  1.00 14.14 ? 7   DA  A N3    1 
ATOM   146 C C4    . DA  A 1 7  ? 6.233   -2.874  -0.681  1.00 12.97 ? 7   DA  A C4    1 
ATOM   147 P P     . DC  A 1 8  ? 12.347  -2.270  -0.340  1.00 15.70 ? 8   DC  A P     1 
ATOM   148 O OP1   . DC  A 1 8  ? 13.793  -2.626  -0.377  1.00 19.04 ? 8   DC  A OP1   1 
ATOM   149 O OP2   . DC  A 1 8  ? 11.903  -0.979  0.208   1.00 17.92 ? 8   DC  A OP2   1 
ATOM   150 O "O5'" . DC  A 1 8  ? 11.816  -2.345  -1.846  1.00 12.99 ? 8   DC  A "O5'" 1 
ATOM   151 C "C5'" . DC  A 1 8  ? 12.137  -3.464  -2.666  1.00 11.40 ? 8   DC  A "C5'" 1 
ATOM   152 C "C4'" . DC  A 1 8  ? 11.276  -3.464  -3.906  1.00 14.02 ? 8   DC  A "C4'" 1 
ATOM   153 O "O4'" . DC  A 1 8  ? 9.883   -3.513  -3.546  1.00 11.44 ? 8   DC  A "O4'" 1 
ATOM   154 C "C3'" . DC  A 1 8  ? 11.376  -2.232  -4.803  1.00 13.51 ? 8   DC  A "C3'" 1 
ATOM   155 O "O3'" . DC  A 1 8  ? 12.515  -2.343  -5.646  1.00 13.04 ? 8   DC  A "O3'" 1 
ATOM   156 C "C2'" . DC  A 1 8  ? 10.086  -2.330  -5.598  1.00 12.64 ? 8   DC  A "C2'" 1 
ATOM   157 C "C1'" . DC  A 1 8  ? 9.121   -2.830  -4.541  1.00 13.90 ? 8   DC  A "C1'" 1 
ATOM   158 N N1    . DC  A 1 8  ? 8.427   -1.678  -3.908  1.00 14.97 ? 8   DC  A N1    1 
ATOM   159 C C2    . DC  A 1 8  ? 7.322   -1.141  -4.576  1.00 13.64 ? 8   DC  A C2    1 
ATOM   160 O O2    . DC  A 1 8  ? 6.954   -1.688  -5.626  1.00 14.14 ? 8   DC  A O2    1 
ATOM   161 N N3    . DC  A 1 8  ? 6.710   -0.050  -4.073  1.00 13.31 ? 8   DC  A N3    1 
ATOM   162 C C4    . DC  A 1 8  ? 7.168   0.514   -2.939  1.00 15.39 ? 8   DC  A C4    1 
ATOM   163 N N4    . DC  A 1 8  ? 6.576   1.621   -2.492  1.00 13.72 ? 8   DC  A N4    1 
ATOM   164 C C5    . DC  A 1 8  ? 8.271   -0.032  -2.223  1.00 12.44 ? 8   DC  A C5    1 
ATOM   165 C C6    . DC  A 1 8  ? 8.865   -1.123  -2.739  1.00 13.07 ? 8   DC  A C6    1 
ATOM   166 P P     . DG  A 1 9  ? 13.117  -1.033  -6.346  1.00 13.07 ? 9   DG  A P     1 
ATOM   167 O OP1   . DG  A 1 9  ? 14.368  -1.528  -7.005  1.00 12.21 ? 9   DG  A OP1   1 
ATOM   168 O OP2   . DG  A 1 9  ? 13.169  0.104   -5.397  1.00 14.92 ? 9   DG  A OP2   1 
ATOM   169 O "O5'" . DG  A 1 9  ? 12.065  -0.642  -7.463  1.00 11.92 ? 9   DG  A "O5'" 1 
ATOM   170 C "C5'" . DG  A 1 9  ? 11.876  -1.451  -8.618  1.00 8.77  ? 9   DG  A "C5'" 1 
ATOM   171 C "C4'" . DG  A 1 9  ? 10.825  -0.822  -9.506  1.00 11.35 ? 9   DG  A "C4'" 1 
ATOM   172 O "O4'" . DG  A 1 9  ? 9.548   -0.781  -8.844  1.00 11.19 ? 9   DG  A "O4'" 1 
ATOM   173 C "C3'" . DG  A 1 9  ? 11.096  0.634   -9.837  1.00 12.05 ? 9   DG  A "C3'" 1 
ATOM   174 O "O3'" . DG  A 1 9  ? 12.011  0.803   -10.890 1.00 11.20 ? 9   DG  A "O3'" 1 
ATOM   175 C "C2'" . DG  A 1 9  ? 9.721   1.117   -10.259 1.00 11.96 ? 9   DG  A "C2'" 1 
ATOM   176 C "C1'" . DG  A 1 9  ? 8.844   0.405   -9.249  1.00 10.81 ? 9   DG  A "C1'" 1 
ATOM   177 N N9    . DG  A 1 9  ? 8.660   1.238   -8.072  1.00 10.56 ? 9   DG  A N9    1 
ATOM   178 C C8    . DG  A 1 9  ? 9.253   1.126   -6.832  1.00 11.15 ? 9   DG  A C8    1 
ATOM   179 N N7    . DG  A 1 9  ? 8.814   2.007   -5.973  1.00 13.70 ? 9   DG  A N7    1 
ATOM   180 C C5    . DG  A 1 9  ? 7.878   2.753   -6.692  1.00 11.61 ? 9   DG  A C5    1 
ATOM   181 C C6    . DG  A 1 9  ? 7.041   3.838   -6.289  1.00 12.50 ? 9   DG  A C6    1 
ATOM   182 O O6    . DG  A 1 9  ? 6.940   4.351   -5.176  1.00 13.43 ? 9   DG  A O6    1 
ATOM   183 N N1    . DG  A 1 9  ? 6.267   4.315   -7.351  1.00 13.12 ? 9   DG  A N1    1 
ATOM   184 C C2    . DG  A 1 9  ? 6.279   3.803   -8.621  1.00 13.13 ? 9   DG  A C2    1 
ATOM   185 N N2    . DG  A 1 9  ? 5.449   4.396   -9.525  1.00 14.49 ? 9   DG  A N2    1 
ATOM   186 N N3    . DG  A 1 9  ? 7.037   2.783   -9.001  1.00 12.94 ? 9   DG  A N3    1 
ATOM   187 C C4    . DG  A 1 9  ? 7.798   2.312   -7.994  1.00 12.78 ? 9   DG  A C4    1 
ATOM   188 P P     . DC  A 1 10 ? 12.930  2.111   -10.907 1.00 13.22 ? 10  DC  A P     1 
ATOM   189 O OP1   . DC  A 1 10 ? 13.849  1.879   -12.043 1.00 13.72 ? 10  DC  A OP1   1 
ATOM   190 O OP2   . DC  A 1 10 ? 13.448  2.449   -9.552  1.00 13.17 ? 10  DC  A OP2   1 
ATOM   191 O "O5'" . DC  A 1 10 ? 11.935  3.260   -11.337 1.00 11.06 ? 10  DC  A "O5'" 1 
ATOM   192 C "C5'" . DC  A 1 10 ? 11.304  3.240   -12.629 1.00 10.44 ? 10  DC  A "C5'" 1 
ATOM   193 C "C4'" . DC  A 1 10 ? 10.403  4.440   -12.777 1.00 12.15 ? 10  DC  A "C4'" 1 
ATOM   194 O "O4'" . DC  A 1 10 ? 9.341   4.392   -11.802 1.00 12.15 ? 10  DC  A "O4'" 1 
ATOM   195 C "C3'" . DC  A 1 10 ? 11.067  5.790   -12.544 1.00 14.27 ? 10  DC  A "C3'" 1 
ATOM   196 O "O3'" . DC  A 1 10 ? 11.720  6.254   -13.715 1.00 14.41 ? 10  DC  A "O3'" 1 
ATOM   197 C "C2'" . DC  A 1 10 ? 9.885   6.666   -12.179 1.00 12.39 ? 10  DC  A "C2'" 1 
ATOM   198 C "C1'" . DC  A 1 10 ? 8.986   5.709   -11.407 1.00 12.47 ? 10  DC  A "C1'" 1 
ATOM   199 N N1    . DC  A 1 10 ? 9.132   5.811   -9.948  1.00 10.61 ? 10  DC  A N1    1 
ATOM   200 C C2    . DC  A 1 10 ? 8.383   6.763   -9.287  1.00 12.99 ? 10  DC  A C2    1 
ATOM   201 O O2    . DC  A 1 10 ? 7.654   7.503   -9.966  1.00 13.38 ? 10  DC  A O2    1 
ATOM   202 N N3    . DC  A 1 10 ? 8.473   6.877   -7.935  1.00 13.02 ? 10  DC  A N3    1 
ATOM   203 C C4    . DC  A 1 10 ? 9.328   6.106   -7.261  1.00 15.84 ? 10  DC  A C4    1 
ATOM   204 N N4    . DC  A 1 10 ? 9.434   6.287   -5.938  1.00 14.05 ? 10  DC  A N4    1 
ATOM   205 C C5    . DC  A 1 10 ? 10.126  5.118   -7.917  1.00 13.91 ? 10  DC  A C5    1 
ATOM   206 C C6    . DC  A 1 10 ? 9.989   4.999   -9.253  1.00 12.78 ? 10  DC  A C6    1 
ATOM   207 O "O5'" . DG  B 1 1  ? 2.186   11.773  -1.623  1.00 33.79 ? 11  DG  B "O5'" 1 
ATOM   208 C "C5'" . DG  B 1 1  ? 1.697   13.011  -2.173  1.00 31.00 ? 11  DG  B "C5'" 1 
ATOM   209 C "C4'" . DG  B 1 1  ? 1.839   13.055  -3.677  1.00 26.39 ? 11  DG  B "C4'" 1 
ATOM   210 O "O4'" . DG  B 1 1  ? 3.232   13.239  -4.027  1.00 25.15 ? 11  DG  B "O4'" 1 
ATOM   211 C "C3'" . DG  B 1 1  ? 1.411   11.778  -4.394  1.00 26.19 ? 11  DG  B "C3'" 1 
ATOM   212 O "O3'" . DG  B 1 1  ? -0.007  11.783  -4.682  1.00 21.39 ? 11  DG  B "O3'" 1 
ATOM   213 C "C2'" . DG  B 1 1  ? 2.269   11.800  -5.652  1.00 22.31 ? 11  DG  B "C2'" 1 
ATOM   214 C "C1'" . DG  B 1 1  ? 3.565   12.453  -5.168  1.00 23.06 ? 11  DG  B "C1'" 1 
ATOM   215 N N9    . DG  B 1 1  ? 4.591   11.493  -4.757  1.00 20.76 ? 11  DG  B N9    1 
ATOM   216 C C8    . DG  B 1 1  ? 5.094   11.298  -3.490  1.00 20.73 ? 11  DG  B C8    1 
ATOM   217 N N7    . DG  B 1 1  ? 6.039   10.392  -3.450  1.00 19.58 ? 11  DG  B N7    1 
ATOM   218 C C5    . DG  B 1 1  ? 6.163   9.958   -4.768  1.00 17.59 ? 11  DG  B C5    1 
ATOM   219 C C6    . DG  B 1 1  ? 7.030   8.974   -5.351  1.00 17.06 ? 11  DG  B C6    1 
ATOM   220 O O6    . DG  B 1 1  ? 7.887   8.269   -4.805  1.00 16.26 ? 11  DG  B O6    1 
ATOM   221 N N1    . DG  B 1 1  ? 6.812   8.852   -6.717  1.00 13.58 ? 11  DG  B N1    1 
ATOM   222 C C2    . DG  B 1 1  ? 5.878   9.573   -7.434  1.00 16.87 ? 11  DG  B C2    1 
ATOM   223 N N2    . DG  B 1 1  ? 5.819   9.332   -8.753  1.00 15.05 ? 11  DG  B N2    1 
ATOM   224 N N3    . DG  B 1 1  ? 5.066   10.469  -6.901  1.00 14.58 ? 11  DG  B N3    1 
ATOM   225 C C4    . DG  B 1 1  ? 5.265   10.614  -5.582  1.00 17.88 ? 11  DG  B C4    1 
ATOM   226 P P     . DC  B 1 2  ? -0.800  10.391  -4.818  1.00 21.22 ? 12  DC  B P     1 
ATOM   227 O OP1   . DC  B 1 2  ? -2.239  10.700  -5.051  1.00 24.85 ? 12  DC  B OP1   1 
ATOM   228 O OP2   . DC  B 1 2  ? -0.421  9.445   -3.725  1.00 24.17 ? 12  DC  B OP2   1 
ATOM   229 O "O5'" . DC  B 1 2  ? -0.296  9.733   -6.175  1.00 17.72 ? 12  DC  B "O5'" 1 
ATOM   230 C "C5'" . DC  B 1 2  ? -0.657  10.291  -7.447  1.00 17.03 ? 12  DC  B "C5'" 1 
ATOM   231 C "C4'" . DC  B 1 2  ? 0.038   9.532   -8.554  1.00 14.55 ? 12  DC  B "C4'" 1 
ATOM   232 O "O4'" . DC  B 1 2  ? 1.462   9.649   -8.367  1.00 15.83 ? 12  DC  B "O4'" 1 
ATOM   233 C "C3'" . DC  B 1 2  ? -0.232  8.040   -8.535  1.00 18.16 ? 12  DC  B "C3'" 1 
ATOM   234 O "O3'" . DC  B 1 2  ? -1.470  7.684   -9.168  1.00 19.14 ? 12  DC  B "O3'" 1 
ATOM   235 C "C2'" . DC  B 1 2  ? 0.991   7.482   -9.244  1.00 16.63 ? 12  DC  B "C2'" 1 
ATOM   236 C "C1'" . DC  B 1 2  ? 2.092   8.429   -8.763  1.00 17.28 ? 12  DC  B "C1'" 1 
ATOM   237 N N1    . DC  B 1 2  ? 2.792   7.874   -7.593  1.00 15.96 ? 12  DC  B N1    1 
ATOM   238 C C2    . DC  B 1 2  ? 3.774   6.934   -7.833  1.00 13.78 ? 12  DC  B C2    1 
ATOM   239 O O2    . DC  B 1 2  ? 3.957   6.581   -9.000  1.00 12.00 ? 12  DC  B O2    1 
ATOM   240 N N3    . DC  B 1 2  ? 4.474   6.426   -6.802  1.00 15.91 ? 12  DC  B N3    1 
ATOM   241 C C4    . DC  B 1 2  ? 4.202   6.817   -5.552  1.00 17.21 ? 12  DC  B C4    1 
ATOM   242 N N4    . DC  B 1 2  ? 4.968   6.315   -4.563  1.00 15.14 ? 12  DC  B N4    1 
ATOM   243 C C5    . DC  B 1 2  ? 3.153   7.751   -5.268  1.00 15.81 ? 12  DC  B C5    1 
ATOM   244 C C6    . DC  B 1 2  ? 2.490   8.258   -6.309  1.00 13.77 ? 12  DC  B C6    1 
ATOM   245 P P     . DG  B 1 3  ? -2.300  6.433   -8.598  1.00 23.39 ? 13  DG  B P     1 
ATOM   246 O OP1   . DG  B 1 3  ? -3.597  6.259   -9.322  1.00 24.17 ? 13  DG  B OP1   1 
ATOM   247 O OP2   . DG  B 1 3  ? -2.282  6.571   -7.112  1.00 22.71 ? 13  DG  B OP2   1 
ATOM   248 O "O5'" . DG  B 1 3  ? -1.415  5.164   -8.953  1.00 18.28 ? 13  DG  B "O5'" 1 
ATOM   249 C "C5'" . DG  B 1 3  ? -1.089  4.896   -10.295 1.00 17.58 ? 13  DG  B "C5'" 1 
ATOM   250 C "C4'" . DG  B 1 3  ? -0.035  3.817   -10.358 1.00 20.13 ? 13  DG  B "C4'" 1 
ATOM   251 O "O4'" . DG  B 1 3  ? 1.222   4.283   -9.800  1.00 16.38 ? 13  DG  B "O4'" 1 
ATOM   252 C "C3'" . DG  B 1 3  ? -0.330  2.559   -9.569  1.00 14.37 ? 13  DG  B "C3'" 1 
ATOM   253 O "O3'" . DG  B 1 3  ? -1.294  1.731   -10.212 1.00 16.51 ? 13  DG  B "O3'" 1 
ATOM   254 C "C2'" . DG  B 1 3  ? 1.046   1.925   -9.532  1.00 14.52 ? 13  DG  B "C2'" 1 
ATOM   255 C "C1'" . DG  B 1 3  ? 1.975   3.139   -9.405  1.00 16.95 ? 13  DG  B "C1'" 1 
ATOM   256 N N9    . DG  B 1 3  ? 2.379   3.317   -8.016  1.00 14.84 ? 13  DG  B N9    1 
ATOM   257 C C8    . DG  B 1 3  ? 1.939   4.247   -7.099  1.00 15.65 ? 13  DG  B C8    1 
ATOM   258 N N7    . DG  B 1 3  ? 2.449   4.064   -5.904  1.00 14.19 ? 13  DG  B N7    1 
ATOM   259 C C5    . DG  B 1 3  ? 3.293   2.968   -6.059  1.00 13.24 ? 13  DG  B C5    1 
ATOM   260 C C6    . DG  B 1 3  ? 4.132   2.317   -5.120  1.00 13.74 ? 13  DG  B C6    1 
ATOM   261 O O6    . DG  B 1 3  ? 4.298   2.599   -3.933  1.00 14.52 ? 13  DG  B O6    1 
ATOM   262 N N1    . DG  B 1 3  ? 4.827   1.239   -5.702  1.00 12.28 ? 13  DG  B N1    1 
ATOM   263 C C2    . DG  B 1 3  ? 4.699   0.862   -7.030  1.00 11.18 ? 13  DG  B C2    1 
ATOM   264 N N2    . DG  B 1 3  ? 5.375   -0.235  -7.433  1.00 12.21 ? 13  DG  B N2    1 
ATOM   265 N N3    . DG  B 1 3  ? 3.941   1.500   -7.915  1.00 12.86 ? 13  DG  B N3    1 
ATOM   266 C C4    . DG  B 1 3  ? 3.271   2.517   -7.363  1.00 14.40 ? 13  DG  B C4    1 
ATOM   267 P P     . DT  B 1 4  ? -2.163  0.710   -9.340  1.00 15.22 ? 14  DT  B P     1 
ATOM   268 O OP1   . DT  B 1 4  ? -3.180  0.137   -10.263 1.00 16.10 ? 14  DT  B OP1   1 
ATOM   269 O OP2   . DT  B 1 4  ? -2.570  1.324   -8.067  1.00 12.20 ? 14  DT  B OP2   1 
ATOM   270 O "O5'" . DT  B 1 4  ? -1.148  -0.466  -8.977  1.00 16.70 ? 14  DT  B "O5'" 1 
ATOM   271 C "C5'" . DT  B 1 4  ? -0.597  -1.288  -10.010 1.00 15.82 ? 14  DT  B "C5'" 1 
ATOM   272 C "C4'" . DT  B 1 4  ? 0.376   -2.291  -9.435  1.00 14.99 ? 14  DT  B "C4'" 1 
ATOM   273 O "O4'" . DT  B 1 4  ? 1.562   -1.623  -8.929  1.00 14.31 ? 14  DT  B "O4'" 1 
ATOM   274 C "C3'" . DT  B 1 4  ? -0.128  -3.129  -8.266  1.00 15.98 ? 14  DT  B "C3'" 1 
ATOM   275 O "O3'" . DT  B 1 4  ? -0.998  -4.220  -8.653  1.00 13.96 ? 14  DT  B "O3'" 1 
ATOM   276 C "C2'" . DT  B 1 4  ? 1.171   -3.596  -7.640  1.00 13.60 ? 14  DT  B "C2'" 1 
ATOM   277 C "C1'" . DT  B 1 4  ? 2.069   -2.376  -7.820  1.00 13.04 ? 14  DT  B "C1'" 1 
ATOM   278 N N1    . DT  B 1 4  ? 2.028   -1.525  -6.608  1.00 13.57 ? 14  DT  B N1    1 
ATOM   279 C C2    . DT  B 1 4  ? 2.879   -1.905  -5.574  1.00 13.45 ? 14  DT  B C2    1 
ATOM   280 O O2    . DT  B 1 4  ? 3.624   -2.865  -5.661  1.00 13.45 ? 14  DT  B O2    1 
ATOM   281 N N3    . DT  B 1 4  ? 2.787   -1.146  -4.440  1.00 13.25 ? 14  DT  B N3    1 
ATOM   282 C C4    . DT  B 1 4  ? 1.914   -0.066  -4.222  1.00 13.64 ? 14  DT  B C4    1 
ATOM   283 O O4    . DT  B 1 4  ? 1.901   0.508   -3.128  1.00 13.57 ? 14  DT  B O4    1 
ATOM   284 C C5    . DT  B 1 4  ? 1.060   0.281   -5.352  1.00 12.17 ? 14  DT  B C5    1 
ATOM   285 C C7    . DT  B 1 4  ? 0.096   1.430   -5.217  1.00 14.76 ? 14  DT  B C7    1 
ATOM   286 C C6    . DT  B 1 4  ? 1.172   -0.452  -6.475  1.00 14.30 ? 14  DT  B C6    1 
ATOM   287 P P     . DA  B 1 5  ? -2.099  -4.747  -7.616  1.00 20.04 ? 15  DA  B P     1 
ATOM   288 O OP1   . DA  B 1 5  ? -2.985  -5.705  -8.365  1.00 23.24 ? 15  DA  B OP1   1 
ATOM   289 O OP2   . DA  B 1 5  ? -2.689  -3.615  -6.868  1.00 19.53 ? 15  DA  B OP2   1 
ATOM   290 O "O5'" . DA  B 1 5  ? -1.275  -5.600  -6.565  1.00 17.69 ? 15  DA  B "O5'" 1 
ATOM   291 C "C5'" . DA  B 1 5  ? -0.417  -6.637  -7.036  1.00 19.32 ? 15  DA  B "C5'" 1 
ATOM   292 C "C4'" . DA  B 1 5  ? 0.485   -7.108  -5.924  1.00 16.56 ? 15  DA  B "C4'" 1 
ATOM   293 O "O4'" . DA  B 1 5  ? 1.411   -6.065  -5.576  1.00 16.78 ? 15  DA  B "O4'" 1 
ATOM   294 C "C3'" . DA  B 1 5  ? -0.195  -7.478  -4.613  1.00 16.95 ? 15  DA  B "C3'" 1 
ATOM   295 O "O3'" . DA  B 1 5  ? -0.699  -8.806  -4.658  1.00 19.49 ? 15  DA  B "O3'" 1 
ATOM   296 C "C2'" . DA  B 1 5  ? 0.944   -7.356  -3.624  1.00 13.52 ? 15  DA  B "C2'" 1 
ATOM   297 C "C1'" . DA  B 1 5  ? 1.715   -6.170  -4.182  1.00 17.40 ? 15  DA  B "C1'" 1 
ATOM   298 N N9    . DA  B 1 5  ? 1.289   -4.930  -3.550  1.00 17.14 ? 15  DA  B N9    1 
ATOM   299 C C8    . DA  B 1 5  ? 0.459   -3.946  -4.028  1.00 15.64 ? 15  DA  B C8    1 
ATOM   300 N N7    . DA  B 1 5  ? 0.339   -2.921  -3.213  1.00 12.98 ? 15  DA  B N7    1 
ATOM   301 C C5    . DA  B 1 5  ? 1.118   -3.272  -2.115  1.00 12.11 ? 15  DA  B C5    1 
ATOM   302 C C6    . DA  B 1 5  ? 1.412   -2.609  -0.908  1.00 13.71 ? 15  DA  B C6    1 
ATOM   303 N N6    . DA  B 1 5  ? 0.918   -1.413  -0.585  1.00 12.91 ? 15  DA  B N6    1 
ATOM   304 N N1    . DA  B 1 5  ? 2.246   -3.229  -0.036  1.00 13.30 ? 15  DA  B N1    1 
ATOM   305 C C2    . DA  B 1 5  ? 2.743   -4.446  -0.365  1.00 11.91 ? 15  DA  B C2    1 
ATOM   306 N N3    . DA  B 1 5  ? 2.534   -5.168  -1.466  1.00 14.22 ? 15  DA  B N3    1 
ATOM   307 C C4    . DA  B 1 5  ? 1.703   -4.509  -2.309  1.00 15.24 ? 15  DA  B C4    1 
HETATM 308 P P     . 2AT B 1 6  ? -1.922  -9.224  -3.719  1.00 20.44 ? 16  2AT B P     1 
HETATM 309 O OP1   . 2AT B 1 6  ? -2.316  -10.583 -4.204  1.00 23.80 ? 16  2AT B OP1   1 
HETATM 310 O OP2   . 2AT B 1 6  ? -2.960  -8.194  -3.627  1.00 20.61 ? 16  2AT B OP2   1 
HETATM 311 O "O5'" . 2AT B 1 6  ? -1.256  -9.408  -2.292  1.00 19.29 ? 16  2AT B "O5'" 1 
HETATM 312 C "C5'" . 2AT B 1 6  ? -0.311  -10.460 -2.058  1.00 19.80 ? 16  2AT B "C5'" 1 
HETATM 313 C "C4'" . 2AT B 1 6  ? 0.238   -10.353 -0.662  1.00 18.61 ? 16  2AT B "C4'" 1 
HETATM 314 O "O4'" . 2AT B 1 6  ? 1.028   -9.136  -0.512  1.00 17.60 ? 16  2AT B "O4'" 1 
HETATM 315 C "C1'" . 2AT B 1 6  ? 0.871   -8.632  0.815   1.00 16.83 ? 16  2AT B "C1'" 1 
HETATM 316 N N1    . 2AT B 1 6  ? 0.258   -7.281  0.744   1.00 15.53 ? 16  2AT B N1    1 
HETATM 317 C C6    . 2AT B 1 6  ? -0.578  -6.932  -0.300  1.00 12.53 ? 16  2AT B C6    1 
HETATM 318 C C2    . 2AT B 1 6  ? 0.559   -6.390  1.758   1.00 14.81 ? 16  2AT B C2    1 
HETATM 319 O O2    . 2AT B 1 6  ? 1.261   -6.680  2.728   1.00 14.69 ? 16  2AT B O2    1 
HETATM 320 N N3    . 2AT B 1 6  ? -0.002  -5.143  1.605   1.00 13.55 ? 16  2AT B N3    1 
HETATM 321 C C4    . 2AT B 1 6  ? -0.817  -4.717  0.578   1.00 12.57 ? 16  2AT B C4    1 
HETATM 322 O O4    . 2AT B 1 6  ? -1.243  -3.568  0.566   1.00 14.77 ? 16  2AT B O4    1 
HETATM 323 C C5    . 2AT B 1 6  ? -1.112  -5.705  -0.443  1.00 15.29 ? 16  2AT B C5    1 
HETATM 324 C C5M   . 2AT B 1 6  ? -1.981  -5.306  -1.607  1.00 14.62 ? 16  2AT B C5M   1 
HETATM 325 C "C2'" . 2AT B 1 6  ? -0.027  -9.609  1.571   1.00 17.40 ? 16  2AT B "C2'" 1 
HETATM 326 O "O2'" . 2AT B 1 6  ? 0.818   -10.613 2.139   1.00 21.66 ? 16  2AT B "O2'" 1 
HETATM 327 C "CB'" . 2AT B 1 6  ? 1.503   -10.223 3.323   1.00 23.68 ? 16  2AT B "CB'" 1 
HETATM 328 C "CC'" . 2AT B 1 6  ? 2.065   -11.442 4.017   1.00 26.04 ? 16  2AT B "CC'" 1 
HETATM 329 C "CD'" . 2AT B 1 6  ? 3.321   -11.881 3.835   1.00 28.92 ? 16  2AT B "CD'" 1 
HETATM 330 C "C3'" . 2AT B 1 6  ? -0.814  -10.216 0.424   1.00 18.85 ? 16  2AT B "C3'" 1 
HETATM 331 O "O3'" . 2AT B 1 6  ? -1.436  -11.428 0.797   1.00 21.73 ? 16  2AT B "O3'" 1 
ATOM   332 P P     . DA  B 1 7  ? -2.955  -11.399 1.273   1.00 20.96 ? 17  DA  B P     1 
ATOM   333 O OP1   . DA  B 1 7  ? -3.424  -12.815 1.363   1.00 23.45 ? 17  DA  B OP1   1 
ATOM   334 O OP2   . DA  B 1 7  ? -3.737  -10.408 0.473   1.00 22.16 ? 17  DA  B OP2   1 
ATOM   335 O "O5'" . DA  B 1 7  ? -2.884  -10.817 2.764   1.00 18.65 ? 17  DA  B "O5'" 1 
ATOM   336 C "C5'" . DA  B 1 7  ? -2.336  -11.594 3.847   1.00 16.75 ? 17  DA  B "C5'" 1 
ATOM   337 C "C4'" . DA  B 1 7  ? -2.247  -10.758 5.111   1.00 18.68 ? 17  DA  B "C4'" 1 
ATOM   338 O "O4'" . DA  B 1 7  ? -1.346  -9.642  4.935   1.00 19.60 ? 17  DA  B "O4'" 1 
ATOM   339 C "C3'" . DA  B 1 7  ? -3.534  -10.112 5.617   1.00 20.03 ? 17  DA  B "C3'" 1 
ATOM   340 O "O3'" . DA  B 1 7  ? -4.336  -11.035 6.348   1.00 18.04 ? 17  DA  B "O3'" 1 
ATOM   341 C "C2'" . DA  B 1 7  ? -2.996  -9.014  6.519   1.00 18.81 ? 17  DA  B "C2'" 1 
ATOM   342 C "C1'" . DA  B 1 7  ? -1.752  -8.554  5.766   1.00 21.05 ? 17  DA  B "C1'" 1 
ATOM   343 N N9    . DA  B 1 7  ? -2.055  -7.416  4.897   1.00 17.71 ? 17  DA  B N9    1 
ATOM   344 C C8    . DA  B 1 7  ? -2.405  -7.427  3.568   1.00 17.96 ? 17  DA  B C8    1 
ATOM   345 N N7    . DA  B 1 7  ? -2.699  -6.238  3.089   1.00 18.21 ? 17  DA  B N7    1 
ATOM   346 C C5    . DA  B 1 7  ? -2.513  -5.383  4.179   1.00 14.91 ? 17  DA  B C5    1 
ATOM   347 C C6    . DA  B 1 7  ? -2.697  -3.985  4.333   1.00 13.14 ? 17  DA  B C6    1 
ATOM   348 N N6    . DA  B 1 7  ? -3.104  -3.182  3.335   1.00 11.72 ? 17  DA  B N6    1 
ATOM   349 N N1    . DA  B 1 7  ? -2.439  -3.445  5.553   1.00 12.77 ? 17  DA  B N1    1 
ATOM   350 C C2    . DA  B 1 7  ? -2.027  -4.267  6.546   1.00 11.43 ? 17  DA  B C2    1 
ATOM   351 N N3    . DA  B 1 7  ? -1.821  -5.598  6.516   1.00 14.60 ? 17  DA  B N3    1 
ATOM   352 C C4    . DA  B 1 7  ? -2.088  -6.091  5.288   1.00 14.66 ? 17  DA  B C4    1 
ATOM   353 P P     . DC  B 1 8  ? -5.925  -10.944 6.246   1.00 21.64 ? 18  DC  B P     1 
ATOM   354 O OP1   . DC  B 1 8  ? -6.404  -12.131 6.975   1.00 23.21 ? 18  DC  B OP1   1 
ATOM   355 O OP2   . DC  B 1 8  ? -6.396  -10.669 4.867   1.00 22.98 ? 18  DC  B OP2   1 
ATOM   356 O "O5'" . DC  B 1 8  ? -6.311  -9.669  7.133   1.00 21.80 ? 18  DC  B "O5'" 1 
ATOM   357 C "C5'" . DC  B 1 8  ? -5.897  -9.579  8.493   1.00 15.53 ? 18  DC  B "C5'" 1 
ATOM   358 C "C4'" . DC  B 1 8  ? -5.959  -8.149  8.961   1.00 16.81 ? 18  DC  B "C4'" 1 
ATOM   359 O "O4'" . DC  B 1 8  ? -5.054  -7.352  8.172   1.00 15.08 ? 18  DC  B "O4'" 1 
ATOM   360 C "C3'" . DC  B 1 8  ? -7.295  -7.423  8.843   1.00 19.55 ? 18  DC  B "C3'" 1 
ATOM   361 O "O3'" . DC  B 1 8  ? -8.176  -7.728  9.923   1.00 21.31 ? 18  DC  B "O3'" 1 
ATOM   362 C "C2'" . DC  B 1 8  ? -6.861  -5.968  8.889   1.00 14.81 ? 18  DC  B "C2'" 1 
ATOM   363 C "C1'" . DC  B 1 8  ? -5.520  -5.997  8.151   1.00 14.96 ? 18  DC  B "C1'" 1 
ATOM   364 N N1    . DC  B 1 8  ? -5.706  -5.576  6.758   1.00 14.65 ? 18  DC  B N1    1 
ATOM   365 C C2    . DC  B 1 8  ? -5.741  -4.201  6.499   1.00 15.83 ? 18  DC  B C2    1 
ATOM   366 O O2    . DC  B 1 8  ? -5.577  -3.416  7.460   1.00 16.22 ? 18  DC  B O2    1 
ATOM   367 N N3    . DC  B 1 8  ? -5.961  -3.762  5.231   1.00 15.36 ? 18  DC  B N3    1 
ATOM   368 C C4    . DC  B 1 8  ? -6.125  -4.647  4.243   1.00 18.33 ? 18  DC  B C4    1 
ATOM   369 N N4    . DC  B 1 8  ? -6.299  -4.178  2.996   1.00 18.33 ? 18  DC  B N4    1 
ATOM   370 C C5    . DC  B 1 8  ? -6.101  -6.061  4.484   1.00 15.70 ? 18  DC  B C5    1 
ATOM   371 C C6    . DC  B 1 8  ? -5.884  -6.474  5.741   1.00 14.67 ? 18  DC  B C6    1 
ATOM   372 P P     . DG  B 1 9  ? -9.753  -7.498  9.735   1.00 26.12 ? 19  DG  B P     1 
ATOM   373 O OP1   . DG  B 1 9  ? -10.362 -8.031  10.983  1.00 30.40 ? 19  DG  B OP1   1 
ATOM   374 O OP2   . DG  B 1 9  ? -10.272 -7.900  8.419   1.00 23.32 ? 19  DG  B OP2   1 
ATOM   375 O "O5'" . DG  B 1 9  ? -9.966  -5.906  9.704   1.00 26.50 ? 19  DG  B "O5'" 1 
ATOM   376 C "C5'" . DG  B 1 9  ? -9.941  -5.151  10.880  1.00 17.21 ? 19  DG  B "C5'" 1 
ATOM   377 C "C4'" . DG  B 1 9  ? -9.815  -3.674  10.567  1.00 15.28 ? 19  DG  B "C4'" 1 
ATOM   378 O "O4'" . DG  B 1 9  ? -8.818  -3.401  9.554   1.00 14.59 ? 19  DG  B "O4'" 1 
ATOM   379 C "C3'" . DG  B 1 9  ? -11.065 -2.957  10.074  1.00 12.72 ? 19  DG  B "C3'" 1 
ATOM   380 O "O3'" . DG  B 1 9  ? -11.907 -2.669  11.187  1.00 13.31 ? 19  DG  B "O3'" 1 
ATOM   381 C "C2'" . DG  B 1 9  ? -10.470 -1.688  9.483   1.00 10.74 ? 19  DG  B "C2'" 1 
ATOM   382 C "C1'" . DG  B 1 9  ? -9.172  -2.192  8.874   1.00 13.43 ? 19  DG  B "C1'" 1 
ATOM   383 N N9    . DG  B 1 9  ? -9.312  -2.478  7.445   1.00 12.27 ? 19  DG  B N9    1 
ATOM   384 C C8    . DG  B 1 9  ? -9.227  -3.693  6.799   1.00 13.74 ? 19  DG  B C8    1 
ATOM   385 N N7    . DG  B 1 9  ? -9.269  -3.572  5.495   1.00 14.82 ? 19  DG  B N7    1 
ATOM   386 C C5    . DG  B 1 9  ? -9.415  -2.203  5.277   1.00 14.37 ? 19  DG  B C5    1 
ATOM   387 C C6    . DG  B 1 9  ? -9.495  -1.431  4.056   1.00 13.81 ? 19  DG  B C6    1 
ATOM   388 O O6    . DG  B 1 9  ? -9.376  -1.811  2.870   1.00 15.29 ? 19  DG  B O6    1 
ATOM   389 N N1    . DG  B 1 9  ? -9.710  -0.087  4.319   1.00 13.16 ? 19  DG  B N1    1 
ATOM   390 C C2    . DG  B 1 9  ? -9.822  0.462   5.562   1.00 12.29 ? 19  DG  B C2    1 
ATOM   391 N N2    . DG  B 1 9  ? -10.099 1.774   5.620   1.00 11.92 ? 19  DG  B N2    1 
ATOM   392 N N3    . DG  B 1 9  ? -9.695  -0.220  6.680   1.00 9.35  ? 19  DG  B N3    1 
ATOM   393 C C4    . DG  B 1 9  ? -9.496  -1.531  6.469   1.00 11.32 ? 19  DG  B C4    1 
ATOM   394 P P     . DC  B 1 10 ? -13.484 -2.452  10.978  1.00 13.79 ? 20  DC  B P     1 
ATOM   395 O OP1   . DC  B 1 10 ? -13.999 -2.288  12.349  1.00 14.11 ? 20  DC  B OP1   1 
ATOM   396 O OP2   . DC  B 1 10 ? -14.101 -3.423  10.096  1.00 15.26 ? 20  DC  B OP2   1 
ATOM   397 O "O5'" . DC  B 1 10 ? -13.585 -1.092  10.157  1.00 14.71 ? 20  DC  B "O5'" 1 
ATOM   398 C "C5'" . DC  B 1 10 ? -13.335 0.179   10.755  1.00 10.86 ? 20  DC  B "C5'" 1 
ATOM   399 C "C4'" . DC  B 1 10 ? -13.573 1.282   9.750   1.00 12.08 ? 20  DC  B "C4'" 1 
ATOM   400 O "O4'" . DC  B 1 10 ? -12.665 1.142   8.630   1.00 13.96 ? 20  DC  B "O4'" 1 
ATOM   401 C "C3'" . DC  B 1 10 ? -14.957 1.312   9.116   1.00 12.55 ? 20  DC  B "C3'" 1 
ATOM   402 O "O3'" . DC  B 1 10 ? -15.849 2.033   9.965   1.00 19.12 ? 20  DC  B "O3'" 1 
ATOM   403 C "C2'" . DC  B 1 10 ? -14.707 2.032   7.802   1.00 12.98 ? 20  DC  B "C2'" 1 
ATOM   404 C "C1'" . DC  B 1 10 ? -13.302 1.610   7.440   1.00 12.91 ? 20  DC  B "C1'" 1 
ATOM   405 N N1    . DC  B 1 10 ? -13.223 0.552   6.434   1.00 11.70 ? 20  DC  B N1    1 
ATOM   406 C C2    . DC  B 1 10 ? -13.231 0.941   5.100   1.00 11.70 ? 20  DC  B C2    1 
ATOM   407 O O2    . DC  B 1 10 ? -13.452 2.119   4.834   1.00 11.43 ? 20  DC  B O2    1 
ATOM   408 N N3    . DC  B 1 10 ? -13.019 0.023   4.133   1.00 12.14 ? 20  DC  B N3    1 
ATOM   409 C C4    . DC  B 1 10 ? -12.857 -1.257  4.470   1.00 12.69 ? 20  DC  B C4    1 
ATOM   410 N N4    . DC  B 1 10 ? -12.602 -2.123  3.478   1.00 13.29 ? 20  DC  B N4    1 
ATOM   411 C C5    . DC  B 1 10 ? -12.938 -1.703  5.830   1.00 11.17 ? 20  DC  B C5    1 
ATOM   412 C C6    . DC  B 1 10 ? -13.108 -0.765  6.777   1.00 11.74 ? 20  DC  B C6    1 
HETATM 413 O O     . HOH C 2 .  ? 6.258   1.314   1.742   1.00 17.68 ? 101 HOH A O     1 
HETATM 414 O O     . HOH C 2 .  ? -0.149  4.184   6.496   1.00 16.92 ? 102 HOH A O     1 
HETATM 415 O O     . HOH C 2 .  ? 6.995   1.680   4.349   1.00 17.50 ? 103 HOH A O     1 
HETATM 416 O O     . HOH C 2 .  ? 6.770   2.486   -11.799 1.00 20.99 ? 106 HOH A O     1 
HETATM 417 O O     . HOH C 2 .  ? 7.875   2.721   -0.047  1.00 21.43 ? 107 HOH A O     1 
HETATM 418 O O     . HOH C 2 .  ? 9.911   2.591   -3.578  1.00 19.51 ? 108 HOH A O     1 
HETATM 419 O O     . HOH C 2 .  ? -11.583 5.571   4.674   1.00 18.79 ? 109 HOH A O     1 
HETATM 420 O O     . HOH C 2 .  ? 12.739  2.693   -6.886  1.00 17.40 ? 110 HOH A O     1 
HETATM 421 O O     . HOH C 2 .  ? 14.156  4.925   -14.003 1.00 16.14 ? 111 HOH A O     1 
HETATM 422 O O     . HOH C 2 .  ? 16.184  -1.203  -9.014  1.00 26.13 ? 112 HOH A O     1 
HETATM 423 O O     . HOH C 2 .  ? 11.589  1.324   -1.803  1.00 21.73 ? 114 HOH A O     1 
HETATM 424 O O     . HOH C 2 .  ? -5.725  5.210   0.518   1.00 22.24 ? 115 HOH A O     1 
HETATM 425 O O     . HOH C 2 .  ? 3.132   6.092   8.134   1.00 22.36 ? 117 HOH A O     1 
HETATM 426 O O     . HOH C 2 .  ? 2.458   -4.385  8.101   1.00 19.19 ? 118 HOH A O     1 
HETATM 427 O O     . HOH C 2 .  ? -2.415  6.413   3.318   1.00 25.05 ? 120 HOH A O     1 
HETATM 428 O O     . HOH C 2 .  ? 11.535  4.580   -4.649  1.00 19.00 ? 122 HOH A O     1 
HETATM 429 O O     . HOH C 2 .  ? 13.036  0.690   -14.314 1.00 30.06 ? 123 HOH A O     1 
HETATM 430 O O     . HOH C 2 .  ? -7.259  9.323   -3.121  1.00 25.88 ? 124 HOH A O     1 
HETATM 431 O O     . HOH C 2 .  ? 4.727   -4.054  9.844   1.00 22.82 ? 126 HOH A O     1 
HETATM 432 O O     . HOH C 2 .  ? 15.139  -0.652  -11.388 1.00 22.40 ? 130 HOH A O     1 
HETATM 433 O O     . HOH C 2 .  ? 0.018   2.069   2.527   1.00 32.01 ? 131 HOH A O     1 
HETATM 434 O O     . HOH C 2 .  ? 4.136   -6.128  6.702   1.00 29.58 ? 134 HOH A O     1 
HETATM 435 O O     . HOH C 2 .  ? -7.476  11.033  4.608   1.00 32.29 ? 135 HOH A O     1 
HETATM 436 O O     . HOH C 2 .  ? -2.793  0.854   1.435   1.00 45.65 ? 137 HOH A O     1 
HETATM 437 O O     . HOH C 2 .  ? 5.384   -6.350  1.610   1.00 23.90 ? 141 HOH A O     1 
HETATM 438 O O     . HOH C 2 .  ? 11.697  4.975   -16.778 1.00 26.20 ? 143 HOH A O     1 
HETATM 439 O O     . HOH C 2 .  ? 15.805  3.813   -12.006 1.00 26.75 ? 144 HOH A O     1 
HETATM 440 O O     . HOH C 2 .  ? 1.458   4.319   4.468   1.00 27.14 ? 145 HOH A O     1 
HETATM 441 O O     . HOH C 2 .  ? -1.028  8.241   9.918   1.00 42.41 ? 147 HOH A O     1 
HETATM 442 O O     . HOH C 2 .  ? 8.130   1.879   -14.195 1.00 22.77 ? 148 HOH A O     1 
HETATM 443 O O     . HOH C 2 .  ? 0.367   8.338   6.518   0.50 24.43 ? 149 HOH A O     1 
HETATM 444 O O     . HOH C 2 .  ? -3.331  4.525   1.478   1.00 30.20 ? 150 HOH A O     1 
HETATM 445 O O     . HOH C 2 .  ? -3.098  8.547   1.686   0.50 23.22 ? 151 HOH A O     1 
HETATM 446 O O     . HOH C 2 .  ? -5.484  8.519   -1.881  0.50 22.54 ? 152 HOH A O     1 
HETATM 447 O O     . HOH C 2 .  ? 9.975   0.675   1.496   1.00 36.38 ? 155 HOH A O     1 
HETATM 448 O O     . HOH C 2 .  ? -6.033  3.805   -1.783  1.00 26.43 ? 156 HOH A O     1 
HETATM 449 O O     . HOH C 2 .  ? 14.884  3.567   -3.069  1.00 30.32 ? 159 HOH A O     1 
HETATM 450 O O     . HOH C 2 .  ? 15.976  1.773   -8.635  1.00 27.28 ? 160 HOH A O     1 
HETATM 451 O O     . HOH C 2 .  ? 4.227   2.666   0.473   1.00 21.60 ? 161 HOH A O     1 
HETATM 452 O O     . HOH C 2 .  ? -7.215  7.448   8.588   0.50 30.16 ? 162 HOH A O     1 
HETATM 453 O O     . HOH C 2 .  ? -0.703  6.048   13.213  1.00 25.79 ? 163 HOH A O     1 
HETATM 454 O O     . HOH C 2 .  ? 16.427  1.120   -5.901  0.50 25.37 ? 164 HOH A O     1 
HETATM 455 O O     . HOH C 2 .  ? 4.096   4.273   6.351   1.00 39.52 ? 166 HOH A O     1 
HETATM 456 O O     . HOH C 2 .  ? 4.049   1.717   -12.119 1.00 35.79 ? 168 HOH A O     1 
HETATM 457 O O     . HOH C 2 .  ? 15.554  2.121   0.413   0.50 29.95 ? 170 HOH A O     1 
HETATM 458 O O     . HOH C 2 .  ? 13.741  0.878   1.700   0.50 27.97 ? 173 HOH A O     1 
HETATM 459 O O     . HOH C 2 .  ? -8.128  2.215   -4.409  0.50 20.36 ? 175 HOH A O     1 
HETATM 460 O O     . HOH C 2 .  ? -5.667  1.118   -0.211  1.00 33.93 ? 176 HOH A O     1 
HETATM 461 O O     . HOH C 2 .  ? 8.118   4.776   -2.710  1.00 28.52 ? 178 HOH A O     1 
HETATM 462 O O     . HOH C 2 .  ? 1.598   2.887   0.624   1.00 30.34 ? 180 HOH A O     1 
HETATM 463 O O     . HOH C 2 .  ? 15.570  -1.227  -2.088  1.00 41.38 ? 185 HOH A O     1 
HETATM 464 O O     . HOH C 2 .  ? 13.567  0.883   -3.195  1.00 36.46 ? 186 HOH A O     1 
HETATM 465 O O     . HOH C 2 .  ? -1.732  6.040   -0.871  0.50 18.39 ? 187 HOH A O     1 
HETATM 466 O O     . HOH C 2 .  ? -3.185  3.812   -3.079  0.50 37.80 ? 188 HOH A O     1 
HETATM 467 O O     . HOH C 2 .  ? 2.415   7.578   11.167  0.50 23.44 ? 190 HOH A O     1 
HETATM 468 O O     . HOH C 2 .  ? 5.492   -1.806  11.372  1.00 29.35 ? 191 HOH A O     1 
HETATM 469 O O     . HOH C 2 .  ? 10.648  3.216   2.713   0.50 28.41 ? 195 HOH A O     1 
HETATM 470 O O     . HOH C 2 .  ? 13.681  -1.235  4.413   0.50 23.56 ? 196 HOH A O     1 
HETATM 471 O O     . HOH C 2 .  ? -7.896  -0.274  -2.022  1.00 29.92 ? 197 HOH A O     1 
HETATM 472 O O     A HOH C 2 .  ? -5.315  -1.339  0.266   0.70 22.07 ? 198 HOH A O     1 
HETATM 473 O O     B HOH C 2 .  ? -7.017  -2.049  0.309   0.30 19.82 ? 198 HOH A O     1 
HETATM 474 O O     . HOH C 2 .  ? -6.942  12.060  0.123   1.00 32.22 ? 199 HOH A O     1 
HETATM 475 O O     . HOH C 2 .  ? 9.933   1.049   8.399   1.00 35.22 ? 200 HOH A O     1 
HETATM 476 O O     . HOH C 2 .  ? 9.457   3.645   11.421  1.00 37.24 ? 201 HOH A O     1 
HETATM 477 O O     . HOH C 2 .  ? 12.931  6.325   -3.402  1.00 40.60 ? 203 HOH A O     1 
HETATM 478 O O     . HOH C 2 .  ? 6.802   5.431   -0.826  1.00 34.76 ? 204 HOH A O     1 
HETATM 479 O O     . HOH C 2 .  ? 6.078   -10.799 5.709   0.50 33.45 ? 207 HOH A O     1 
HETATM 480 O O     . HOH C 2 .  ? 17.123  0.067   -0.004  0.50 32.77 ? 208 HOH A O     1 
HETATM 481 O O     . HOH C 2 .  ? 9.159   -5.231  7.103   0.50 20.49 ? 209 HOH A O     1 
HETATM 482 O O     . HOH C 2 .  ? 13.406  -1.589  -13.212 0.50 20.40 ? 210 HOH A O     1 
HETATM 483 O O     . HOH C 2 .  ? 15.056  -3.004  -13.644 0.50 31.60 ? 211 HOH A O     1 
HETATM 484 O O     . HOH C 2 .  ? -8.891  7.148   -6.767  0.50 24.68 ? 212 HOH A O     1 
HETATM 485 O O     . HOH C 2 .  ? -4.540  8.196   10.235  0.50 23.88 ? 213 HOH A O     1 
HETATM 486 O O     A HOH C 2 .  ? 1.945   -9.888  7.328   0.50 35.56 ? 214 HOH A O     1 
HETATM 487 O O     B HOH C 2 .  ? 1.219   -9.248  8.783   0.50 26.71 ? 214 HOH A O     1 
HETATM 488 O O     . HOH C 2 .  ? 5.115   -7.709  7.928   0.50 30.42 ? 215 HOH A O     1 
HETATM 489 O O     . HOH C 2 .  ? 11.514  8.235   -2.718  1.00 34.66 ? 217 HOH A O     1 
HETATM 490 O O     . HOH C 2 .  ? 4.050   -12.482 7.986   0.50 28.91 ? 218 HOH A O     1 
HETATM 491 O O     . HOH C 2 .  ? -5.404  9.766   8.386   0.50 32.23 ? 220 HOH A O     1 
HETATM 492 O O     . HOH C 2 .  ? 8.049   4.836   8.593   1.00 48.66 ? 223 HOH A O     1 
HETATM 493 O O     . HOH C 2 .  ? 2.956   -8.854  10.498  0.50 31.60 ? 224 HOH A O     1 
HETATM 494 O O     . HOH C 2 .  ? 5.231   -9.133  9.924   0.50 34.28 ? 225 HOH A O     1 
HETATM 495 O O     . HOH C 2 .  ? 4.042   -9.830  6.512   0.50 40.69 ? 227 HOH A O     1 
HETATM 496 O O     . HOH D 2 .  ? 4.812   -5.151  -6.200  1.00 16.35 ? 104 HOH B O     1 
HETATM 497 O O     . HOH D 2 .  ? -4.417  -6.083  0.786   1.00 18.35 ? 105 HOH B O     1 
HETATM 498 O O     . HOH D 2 .  ? 0.994   -13.432 1.289   1.00 28.59 ? 113 HOH B O     1 
HETATM 499 O O     . HOH D 2 .  ? -9.711  -5.560  3.642   1.00 20.81 ? 116 HOH B O     1 
HETATM 500 O O     . HOH D 2 .  ? -4.344  -8.084  -0.984  1.00 24.28 ? 119 HOH B O     1 
HETATM 501 O O     . HOH D 2 .  ? 0.387   -6.425  8.222   1.00 29.40 ? 121 HOH B O     1 
HETATM 502 O O     . HOH D 2 .  ? -16.506 0.752   12.382  1.00 27.35 ? 125 HOH B O     1 
HETATM 503 O O     . HOH D 2 .  ? 4.708   4.305   -1.734  1.00 20.65 ? 127 HOH B O     1 
HETATM 504 O O     . HOH D 2 .  ? 0.961   2.689   -1.932  1.00 31.09 ? 128 HOH B O     1 
HETATM 505 O O     . HOH D 2 .  ? -16.578 -2.993  12.918  1.00 27.81 ? 129 HOH B O     1 
HETATM 506 O O     . HOH D 2 .  ? -3.150  0.449   -13.209 1.00 28.27 ? 132 HOH B O     1 
HETATM 507 O O     . HOH D 2 .  ? 1.324   4.984   -3.457  1.00 24.09 ? 133 HOH B O     1 
HETATM 508 O O     . HOH D 2 .  ? -5.605  3.893   -9.002  0.50 27.22 ? 136 HOH B O     1 
HETATM 509 O O     . HOH D 2 .  ? -1.774  -0.939  -3.325  1.00 34.21 ? 138 HOH B O     1 
HETATM 510 O O     . HOH D 2 .  ? -3.237  3.439   -6.198  1.00 30.82 ? 139 HOH B O     1 
HETATM 511 O O     . HOH D 2 .  ? -3.057  -0.820  -5.796  1.00 32.32 ? 140 HOH B O     1 
HETATM 512 O O     . HOH D 2 .  ? -12.634 -5.010  3.938   1.00 26.83 ? 142 HOH B O     1 
HETATM 513 O O     . HOH D 2 .  ? -5.753  2.412   -11.402 0.50 34.45 ? 146 HOH B O     1 
HETATM 514 O O     . HOH D 2 .  ? -8.897  -8.617  4.434   1.00 39.85 ? 153 HOH B O     1 
HETATM 515 O O     A HOH D 2 .  ? -3.077  -1.986  -0.525  0.70 19.61 ? 154 HOH B O     1 
HETATM 516 O O     B HOH D 2 .  ? -4.545  -2.999  -0.024  0.30 16.94 ? 154 HOH B O     1 
HETATM 517 O O     . HOH D 2 .  ? -14.772 -0.023  14.315  1.00 44.55 ? 157 HOH B O     1 
HETATM 518 O O     . HOH D 2 .  ? -4.971  -2.006  -9.642  1.00 26.38 ? 158 HOH B O     1 
HETATM 519 O O     . HOH D 2 .  ? -0.815  6.570   -4.488  1.00 28.33 ? 165 HOH B O     1 
HETATM 520 O O     . HOH D 2 .  ? 4.648   -6.984  -0.948  1.00 33.00 ? 167 HOH B O     1 
HETATM 521 O O     . HOH D 2 .  ? -3.839  -12.575 -2.799  1.00 43.45 ? 169 HOH B O     1 
HETATM 522 O O     . HOH D 2 .  ? -9.616  -4.271  1.381   1.00 40.05 ? 171 HOH B O     1 
HETATM 523 O O     . HOH D 2 .  ? 2.795   -7.588  4.597   0.50 31.17 ? 172 HOH B O     1 
HETATM 524 O O     . HOH D 2 .  ? -4.562  -6.709  -4.595  1.00 32.12 ? 174 HOH B O     1 
HETATM 525 O O     A HOH D 2 .  ? -4.557  -7.865  -7.373  0.50 22.56 ? 177 HOH B O     1 
HETATM 526 O O     B HOH D 2 .  ? -3.310  -9.288  -7.577  0.50 31.38 ? 177 HOH B O     1 
HETATM 527 O O     . HOH D 2 .  ? -2.564  3.587   -13.400 1.00 22.16 ? 179 HOH B O     1 
HETATM 528 O O     . HOH D 2 .  ? -4.513  7.842   -5.657  0.50 18.66 ? 181 HOH B O     1 
HETATM 529 O O     . HOH D 2 .  ? 2.379   -15.800 4.200   0.50 33.54 ? 182 HOH B O     1 
HETATM 530 O O     . HOH D 2 .  ? -5.550  -9.123  2.303   1.00 26.53 ? 183 HOH B O     1 
HETATM 531 O O     . HOH D 2 .  ? -1.009  -15.380 2.723   0.50 32.92 ? 184 HOH B O     1 
HETATM 532 O O     . HOH D 2 .  ? -10.097 -10.136 6.770   1.00 30.25 ? 189 HOH B O     1 
HETATM 533 O O     . HOH D 2 .  ? -1.225  0.501   -1.413  0.50 21.26 ? 192 HOH B O     1 
HETATM 534 O O     . HOH D 2 .  ? -5.818  -2.522  -7.496  0.50 23.69 ? 193 HOH B O     1 
HETATM 535 O O     . HOH D 2 .  ? -14.090 -5.065  0.445   1.00 33.84 ? 194 HOH B O     1 
HETATM 536 O O     . HOH D 2 .  ? 5.150   14.723  -1.938  0.50 28.83 ? 202 HOH B O     1 
HETATM 537 O O     . HOH D 2 .  ? 3.395   6.348   -1.741  1.00 37.11 ? 205 HOH B O     1 
HETATM 538 O O     . HOH D 2 .  ? 4.107   -8.121  2.630   0.50 30.46 ? 206 HOH B O     1 
HETATM 539 O O     . HOH D 2 .  ? 0.525   -13.973 6.368   0.50 30.28 ? 216 HOH B O     1 
HETATM 540 O O     . HOH D 2 .  ? -12.651 -4.975  6.843   1.00 27.12 ? 219 HOH B O     1 
HETATM 541 O O     . HOH D 2 .  ? -14.553 -6.252  3.039   0.50 27.66 ? 221 HOH B O     1 
HETATM 542 O O     . HOH D 2 .  ? -4.279  6.565   -3.311  0.50 38.33 ? 222 HOH B O     1 
HETATM 543 O O     . HOH D 2 .  ? 8.340   7.322   -2.194  0.50 29.03 ? 226 HOH B O     1 
# 
loop_
_pdbx_poly_seq_scheme.asym_id 
_pdbx_poly_seq_scheme.entity_id 
_pdbx_poly_seq_scheme.seq_id 
_pdbx_poly_seq_scheme.mon_id 
_pdbx_poly_seq_scheme.ndb_seq_num 
_pdbx_poly_seq_scheme.pdb_seq_num 
_pdbx_poly_seq_scheme.auth_seq_num 
_pdbx_poly_seq_scheme.pdb_mon_id 
_pdbx_poly_seq_scheme.auth_mon_id 
_pdbx_poly_seq_scheme.pdb_strand_id 
_pdbx_poly_seq_scheme.pdb_ins_code 
_pdbx_poly_seq_scheme.hetero 
A 1 1  DG  1  1  1  DG  G   A . n 
A 1 2  DC  2  2  2  DC  C   A . n 
A 1 3  DG  3  3  3  DG  G   A . n 
A 1 4  DT  4  4  4  DT  T   A . n 
A 1 5  DA  5  5  5  DA  A   A . n 
A 1 6  2AT 6  6  6  2AT ALY A . n 
A 1 7  DA  7  7  7  DA  A   A . n 
A 1 8  DC  8  8  8  DC  C   A . n 
A 1 9  DG  9  9  9  DG  G   A . n 
A 1 10 DC  10 10 10 DC  C   A . n 
B 1 1  DG  1  11 11 DG  G   B . n 
B 1 2  DC  2  12 12 DC  C   B . n 
B 1 3  DG  3  13 13 DG  G   B . n 
B 1 4  DT  4  14 14 DT  T   B . n 
B 1 5  DA  5  15 15 DA  A   B . n 
B 1 6  2AT 6  16 16 2AT ALY B . n 
B 1 7  DA  7  17 17 DA  A   B . n 
B 1 8  DC  8  18 18 DC  C   B . n 
B 1 9  DG  9  19 19 DG  G   B . n 
B 1 10 DC  10 20 20 DC  C   B . n 
# 
loop_
_pdbx_nonpoly_scheme.asym_id 
_pdbx_nonpoly_scheme.entity_id 
_pdbx_nonpoly_scheme.mon_id 
_pdbx_nonpoly_scheme.ndb_seq_num 
_pdbx_nonpoly_scheme.pdb_seq_num 
_pdbx_nonpoly_scheme.auth_seq_num 
_pdbx_nonpoly_scheme.pdb_mon_id 
_pdbx_nonpoly_scheme.auth_mon_id 
_pdbx_nonpoly_scheme.pdb_strand_id 
_pdbx_nonpoly_scheme.pdb_ins_code 
C 2 HOH 1  101 101 HOH HOH A . 
C 2 HOH 2  102 102 HOH HOH A . 
C 2 HOH 3  103 103 HOH HOH A . 
C 2 HOH 4  106 106 HOH HOH A . 
C 2 HOH 5  107 107 HOH HOH A . 
C 2 HOH 6  108 108 HOH HOH A . 
C 2 HOH 7  109 109 HOH HOH A . 
C 2 HOH 8  110 110 HOH HOH A . 
C 2 HOH 9  111 111 HOH HOH A . 
C 2 HOH 10 112 112 HOH HOH A . 
C 2 HOH 11 114 114 HOH HOH A . 
C 2 HOH 12 115 115 HOH HOH A . 
C 2 HOH 13 117 117 HOH HOH A . 
C 2 HOH 14 118 118 HOH HOH A . 
C 2 HOH 15 120 120 HOH HOH A . 
C 2 HOH 16 122 122 HOH HOH A . 
C 2 HOH 17 123 123 HOH HOH A . 
C 2 HOH 18 124 124 HOH HOH A . 
C 2 HOH 19 126 126 HOH HOH A . 
C 2 HOH 20 130 130 HOH HOH A . 
C 2 HOH 21 131 131 HOH HOH A . 
C 2 HOH 22 134 134 HOH HOH A . 
C 2 HOH 23 135 135 HOH HOH A . 
C 2 HOH 24 137 137 HOH HOH A . 
C 2 HOH 25 141 141 HOH HOH A . 
C 2 HOH 26 143 143 HOH HOH A . 
C 2 HOH 27 144 144 HOH HOH A . 
C 2 HOH 28 145 145 HOH HOH A . 
C 2 HOH 29 147 147 HOH HOH A . 
C 2 HOH 30 148 148 HOH HOH A . 
C 2 HOH 31 149 149 HOH HOH A . 
C 2 HOH 32 150 150 HOH HOH A . 
C 2 HOH 33 151 151 HOH HOH A . 
C 2 HOH 34 152 152 HOH HOH A . 
C 2 HOH 35 155 155 HOH HOH A . 
C 2 HOH 36 156 156 HOH HOH A . 
C 2 HOH 37 159 159 HOH HOH A . 
C 2 HOH 38 160 160 HOH HOH A . 
C 2 HOH 39 161 161 HOH HOH A . 
C 2 HOH 40 162 162 HOH HOH A . 
C 2 HOH 41 163 163 HOH HOH A . 
C 2 HOH 42 164 164 HOH HOH A . 
C 2 HOH 43 166 166 HOH HOH A . 
C 2 HOH 44 168 168 HOH HOH A . 
C 2 HOH 45 170 170 HOH HOH A . 
C 2 HOH 46 173 173 HOH HOH A . 
C 2 HOH 47 175 175 HOH HOH A . 
C 2 HOH 48 176 176 HOH HOH A . 
C 2 HOH 49 178 178 HOH HOH A . 
C 2 HOH 50 180 180 HOH HOH A . 
C 2 HOH 51 185 185 HOH HOH A . 
C 2 HOH 52 186 186 HOH HOH A . 
C 2 HOH 53 187 187 HOH HOH A . 
C 2 HOH 54 188 188 HOH HOH A . 
C 2 HOH 55 190 190 HOH HOH A . 
C 2 HOH 56 191 191 HOH HOH A . 
C 2 HOH 57 195 195 HOH HOH A . 
C 2 HOH 58 196 196 HOH HOH A . 
C 2 HOH 59 197 197 HOH HOH A . 
C 2 HOH 60 198 198 HOH HOH A . 
C 2 HOH 61 199 199 HOH HOH A . 
C 2 HOH 62 200 200 HOH HOH A . 
C 2 HOH 63 201 201 HOH HOH A . 
C 2 HOH 64 203 203 HOH HOH A . 
C 2 HOH 65 204 204 HOH HOH A . 
C 2 HOH 66 207 207 HOH HOH A . 
C 2 HOH 67 208 208 HOH HOH A . 
C 2 HOH 68 209 209 HOH HOH A . 
C 2 HOH 69 210 210 HOH HOH A . 
C 2 HOH 70 211 211 HOH HOH A . 
C 2 HOH 71 212 212 HOH HOH A . 
C 2 HOH 72 213 213 HOH HOH A . 
C 2 HOH 73 214 214 HOH HOH A . 
C 2 HOH 74 215 215 HOH HOH A . 
C 2 HOH 75 217 217 HOH HOH A . 
C 2 HOH 76 218 218 HOH HOH A . 
C 2 HOH 77 220 220 HOH HOH A . 
C 2 HOH 78 223 223 HOH HOH A . 
C 2 HOH 79 224 224 HOH HOH A . 
C 2 HOH 80 225 225 HOH HOH A . 
C 2 HOH 81 227 227 HOH HOH A . 
D 2 HOH 1  104 104 HOH HOH B . 
D 2 HOH 2  105 105 HOH HOH B . 
D 2 HOH 3  113 113 HOH HOH B . 
D 2 HOH 4  116 116 HOH HOH B . 
D 2 HOH 5  119 119 HOH HOH B . 
D 2 HOH 6  121 121 HOH HOH B . 
D 2 HOH 7  125 125 HOH HOH B . 
D 2 HOH 8  127 127 HOH HOH B . 
D 2 HOH 9  128 128 HOH HOH B . 
D 2 HOH 10 129 129 HOH HOH B . 
D 2 HOH 11 132 132 HOH HOH B . 
D 2 HOH 12 133 133 HOH HOH B . 
D 2 HOH 13 136 136 HOH HOH B . 
D 2 HOH 14 138 138 HOH HOH B . 
D 2 HOH 15 139 139 HOH HOH B . 
D 2 HOH 16 140 140 HOH HOH B . 
D 2 HOH 17 142 142 HOH HOH B . 
D 2 HOH 18 146 146 HOH HOH B . 
D 2 HOH 19 153 153 HOH HOH B . 
D 2 HOH 20 154 154 HOH HOH B . 
D 2 HOH 21 157 157 HOH HOH B . 
D 2 HOH 22 158 158 HOH HOH B . 
D 2 HOH 23 165 165 HOH HOH B . 
D 2 HOH 24 167 167 HOH HOH B . 
D 2 HOH 25 169 169 HOH HOH B . 
D 2 HOH 26 171 171 HOH HOH B . 
D 2 HOH 27 172 172 HOH HOH B . 
D 2 HOH 28 174 174 HOH HOH B . 
D 2 HOH 29 177 177 HOH HOH B . 
D 2 HOH 30 179 179 HOH HOH B . 
D 2 HOH 31 181 181 HOH HOH B . 
D 2 HOH 32 182 182 HOH HOH B . 
D 2 HOH 33 183 183 HOH HOH B . 
D 2 HOH 34 184 184 HOH HOH B . 
D 2 HOH 35 189 189 HOH HOH B . 
D 2 HOH 36 192 192 HOH HOH B . 
D 2 HOH 37 193 193 HOH HOH B . 
D 2 HOH 38 194 194 HOH HOH B . 
D 2 HOH 39 202 202 HOH HOH B . 
D 2 HOH 40 205 205 HOH HOH B . 
D 2 HOH 41 206 206 HOH HOH B . 
D 2 HOH 42 216 216 HOH HOH B . 
D 2 HOH 43 219 219 HOH HOH B . 
D 2 HOH 44 221 221 HOH HOH B . 
D 2 HOH 45 222 222 HOH HOH B . 
D 2 HOH 46 226 226 HOH HOH B . 
# 
loop_
_pdbx_struct_mod_residue.id 
_pdbx_struct_mod_residue.label_asym_id 
_pdbx_struct_mod_residue.label_comp_id 
_pdbx_struct_mod_residue.label_seq_id 
_pdbx_struct_mod_residue.auth_asym_id 
_pdbx_struct_mod_residue.auth_comp_id 
_pdbx_struct_mod_residue.auth_seq_id 
_pdbx_struct_mod_residue.PDB_ins_code 
_pdbx_struct_mod_residue.parent_comp_id 
_pdbx_struct_mod_residue.details 
1 A 2AT 6 A 2AT 6  ? DT 
;2'-O-ALLYL THYMIDINE-5'-MONOPHOSPHATE
;
2 B 2AT 6 B 2AT 16 ? DT 
;2'-O-ALLYL THYMIDINE-5'-MONOPHOSPHATE
;
# 
_pdbx_struct_assembly.id                   1 
_pdbx_struct_assembly.details              author_defined_assembly 
_pdbx_struct_assembly.method_details       ? 
_pdbx_struct_assembly.oligomeric_details   dimeric 
_pdbx_struct_assembly.oligomeric_count     2 
# 
_pdbx_struct_assembly_gen.assembly_id       1 
_pdbx_struct_assembly_gen.oper_expression   1 
_pdbx_struct_assembly_gen.asym_id_list      A,B,C,D 
# 
_pdbx_struct_oper_list.id                   1 
_pdbx_struct_oper_list.type                 'identity operation' 
_pdbx_struct_oper_list.name                 1_555 
_pdbx_struct_oper_list.symmetry_operation   x,y,z 
_pdbx_struct_oper_list.matrix[1][1]         1.0000000000 
_pdbx_struct_oper_list.matrix[1][2]         0.0000000000 
_pdbx_struct_oper_list.matrix[1][3]         0.0000000000 
_pdbx_struct_oper_list.vector[1]            0.0000000000 
_pdbx_struct_oper_list.matrix[2][1]         0.0000000000 
_pdbx_struct_oper_list.matrix[2][2]         1.0000000000 
_pdbx_struct_oper_list.matrix[2][3]         0.0000000000 
_pdbx_struct_oper_list.vector[2]            0.0000000000 
_pdbx_struct_oper_list.matrix[3][1]         0.0000000000 
_pdbx_struct_oper_list.matrix[3][2]         0.0000000000 
_pdbx_struct_oper_list.matrix[3][3]         1.0000000000 
_pdbx_struct_oper_list.vector[3]            0.0000000000 
# 
loop_
_pdbx_audit_revision_history.ordinal 
_pdbx_audit_revision_history.data_content_type 
_pdbx_audit_revision_history.major_revision 
_pdbx_audit_revision_history.minor_revision 
_pdbx_audit_revision_history.revision_date 
1 'Structure model' 1 0 2005-06-28 
2 'Structure model' 1 1 2008-04-30 
3 'Structure model' 1 2 2011-07-13 
4 'Structure model' 1 3 2023-08-23 
# 
_pdbx_audit_revision_details.ordinal             1 
_pdbx_audit_revision_details.revision_ordinal    1 
_pdbx_audit_revision_details.data_content_type   'Structure model' 
_pdbx_audit_revision_details.provider            repository 
_pdbx_audit_revision_details.type                'Initial release' 
_pdbx_audit_revision_details.description         ? 
_pdbx_audit_revision_details.details             ? 
# 
loop_
_pdbx_audit_revision_group.ordinal 
_pdbx_audit_revision_group.revision_ordinal 
_pdbx_audit_revision_group.data_content_type 
_pdbx_audit_revision_group.group 
1 2 'Structure model' 'Version format compliance' 
2 3 'Structure model' 'Version format compliance' 
3 4 'Structure model' 'Data collection'           
4 4 'Structure model' 'Database references'       
5 4 'Structure model' 'Derived calculations'      
6 4 'Structure model' 'Refinement description'    
# 
loop_
_pdbx_audit_revision_category.ordinal 
_pdbx_audit_revision_category.revision_ordinal 
_pdbx_audit_revision_category.data_content_type 
_pdbx_audit_revision_category.category 
1 4 'Structure model' chem_comp_atom                
2 4 'Structure model' chem_comp_bond                
3 4 'Structure model' database_2                    
4 4 'Structure model' pdbx_initial_refinement_model 
5 4 'Structure model' struct_conn                   
# 
loop_
_pdbx_audit_revision_item.ordinal 
_pdbx_audit_revision_item.revision_ordinal 
_pdbx_audit_revision_item.data_content_type 
_pdbx_audit_revision_item.item 
1 4 'Structure model' '_database_2.pdbx_DOI'                
2 4 'Structure model' '_database_2.pdbx_database_accession' 
3 4 'Structure model' '_struct_conn.pdbx_leaving_atom_flag' 
# 
loop_
_software.name 
_software.classification 
_software.version 
_software.citation_id 
_software.pdbx_ordinal 
DENZO     'data reduction' . ? 1 
SCALEPACK 'data scaling'   . ? 2 
AMoRE     phasing          . ? 3 
CNS       refinement       . ? 4 
# 
loop_
_pdbx_validate_planes.id 
_pdbx_validate_planes.PDB_model_num 
_pdbx_validate_planes.auth_comp_id 
_pdbx_validate_planes.auth_asym_id 
_pdbx_validate_planes.auth_seq_id 
_pdbx_validate_planes.PDB_ins_code 
_pdbx_validate_planes.label_alt_id 
_pdbx_validate_planes.rmsd 
_pdbx_validate_planes.type 
1 1 DG B 19 ? ? 0.075 'SIDE CHAIN' 
2 1 DC B 20 ? ? 0.065 'SIDE CHAIN' 
# 
loop_
_chem_comp_atom.comp_id 
_chem_comp_atom.atom_id 
_chem_comp_atom.type_symbol 
_chem_comp_atom.pdbx_aromatic_flag 
_chem_comp_atom.pdbx_stereo_config 
_chem_comp_atom.pdbx_ordinal 
2AT P      P N N 1   
2AT OP1    O N N 2   
2AT OP2    O N N 3   
2AT "O5'"  O N N 4   
2AT "C5'"  C N N 5   
2AT "C4'"  C N R 6   
2AT "O4'"  O N N 7   
2AT "C1'"  C N R 8   
2AT N1     N N N 9   
2AT C6     C N N 10  
2AT C2     C N N 11  
2AT O2     O N N 12  
2AT N3     N N N 13  
2AT C4     C N N 14  
2AT O4     O N N 15  
2AT C5     C N N 16  
2AT C5M    C N N 17  
2AT "C2'"  C N R 18  
2AT "O2'"  O N N 19  
2AT "CB'"  C N N 20  
2AT "CC'"  C N N 21  
2AT "CD'"  C N N 22  
2AT "C3'"  C N R 23  
2AT "O3'"  O N N 24  
2AT OP3    O N N 25  
2AT HOP2   H N N 26  
2AT "H5'"  H N N 27  
2AT "H5''" H N N 28  
2AT "H4'"  H N N 29  
2AT "H1'"  H N N 30  
2AT H6     H N N 31  
2AT HN3    H N N 32  
2AT H71    H N N 33  
2AT H72    H N N 34  
2AT H73    H N N 35  
2AT "H2'"  H N N 36  
2AT "HB'1" H N N 37  
2AT "HB'2" H N N 38  
2AT "HC'"  H N N 39  
2AT "HD'1" H N N 40  
2AT "HD'2" H N N 41  
2AT "H3'"  H N N 42  
2AT "HO3'" H N N 43  
2AT HOP3   H N N 44  
DA  OP3    O N N 45  
DA  P      P N N 46  
DA  OP1    O N N 47  
DA  OP2    O N N 48  
DA  "O5'"  O N N 49  
DA  "C5'"  C N N 50  
DA  "C4'"  C N R 51  
DA  "O4'"  O N N 52  
DA  "C3'"  C N S 53  
DA  "O3'"  O N N 54  
DA  "C2'"  C N N 55  
DA  "C1'"  C N R 56  
DA  N9     N Y N 57  
DA  C8     C Y N 58  
DA  N7     N Y N 59  
DA  C5     C Y N 60  
DA  C6     C Y N 61  
DA  N6     N N N 62  
DA  N1     N Y N 63  
DA  C2     C Y N 64  
DA  N3     N Y N 65  
DA  C4     C Y N 66  
DA  HOP3   H N N 67  
DA  HOP2   H N N 68  
DA  "H5'"  H N N 69  
DA  "H5''" H N N 70  
DA  "H4'"  H N N 71  
DA  "H3'"  H N N 72  
DA  "HO3'" H N N 73  
DA  "H2'"  H N N 74  
DA  "H2''" H N N 75  
DA  "H1'"  H N N 76  
DA  H8     H N N 77  
DA  H61    H N N 78  
DA  H62    H N N 79  
DA  H2     H N N 80  
DC  OP3    O N N 81  
DC  P      P N N 82  
DC  OP1    O N N 83  
DC  OP2    O N N 84  
DC  "O5'"  O N N 85  
DC  "C5'"  C N N 86  
DC  "C4'"  C N R 87  
DC  "O4'"  O N N 88  
DC  "C3'"  C N S 89  
DC  "O3'"  O N N 90  
DC  "C2'"  C N N 91  
DC  "C1'"  C N R 92  
DC  N1     N N N 93  
DC  C2     C N N 94  
DC  O2     O N N 95  
DC  N3     N N N 96  
DC  C4     C N N 97  
DC  N4     N N N 98  
DC  C5     C N N 99  
DC  C6     C N N 100 
DC  HOP3   H N N 101 
DC  HOP2   H N N 102 
DC  "H5'"  H N N 103 
DC  "H5''" H N N 104 
DC  "H4'"  H N N 105 
DC  "H3'"  H N N 106 
DC  "HO3'" H N N 107 
DC  "H2'"  H N N 108 
DC  "H2''" H N N 109 
DC  "H1'"  H N N 110 
DC  H41    H N N 111 
DC  H42    H N N 112 
DC  H5     H N N 113 
DC  H6     H N N 114 
DG  OP3    O N N 115 
DG  P      P N N 116 
DG  OP1    O N N 117 
DG  OP2    O N N 118 
DG  "O5'"  O N N 119 
DG  "C5'"  C N N 120 
DG  "C4'"  C N R 121 
DG  "O4'"  O N N 122 
DG  "C3'"  C N S 123 
DG  "O3'"  O N N 124 
DG  "C2'"  C N N 125 
DG  "C1'"  C N R 126 
DG  N9     N Y N 127 
DG  C8     C Y N 128 
DG  N7     N Y N 129 
DG  C5     C Y N 130 
DG  C6     C N N 131 
DG  O6     O N N 132 
DG  N1     N N N 133 
DG  C2     C N N 134 
DG  N2     N N N 135 
DG  N3     N N N 136 
DG  C4     C Y N 137 
DG  HOP3   H N N 138 
DG  HOP2   H N N 139 
DG  "H5'"  H N N 140 
DG  "H5''" H N N 141 
DG  "H4'"  H N N 142 
DG  "H3'"  H N N 143 
DG  "HO3'" H N N 144 
DG  "H2'"  H N N 145 
DG  "H2''" H N N 146 
DG  "H1'"  H N N 147 
DG  H8     H N N 148 
DG  H1     H N N 149 
DG  H21    H N N 150 
DG  H22    H N N 151 
DT  OP3    O N N 152 
DT  P      P N N 153 
DT  OP1    O N N 154 
DT  OP2    O N N 155 
DT  "O5'"  O N N 156 
DT  "C5'"  C N N 157 
DT  "C4'"  C N R 158 
DT  "O4'"  O N N 159 
DT  "C3'"  C N S 160 
DT  "O3'"  O N N 161 
DT  "C2'"  C N N 162 
DT  "C1'"  C N R 163 
DT  N1     N N N 164 
DT  C2     C N N 165 
DT  O2     O N N 166 
DT  N3     N N N 167 
DT  C4     C N N 168 
DT  O4     O N N 169 
DT  C5     C N N 170 
DT  C7     C N N 171 
DT  C6     C N N 172 
DT  HOP3   H N N 173 
DT  HOP2   H N N 174 
DT  "H5'"  H N N 175 
DT  "H5''" H N N 176 
DT  "H4'"  H N N 177 
DT  "H3'"  H N N 178 
DT  "HO3'" H N N 179 
DT  "H2'"  H N N 180 
DT  "H2''" H N N 181 
DT  "H1'"  H N N 182 
DT  H3     H N N 183 
DT  H71    H N N 184 
DT  H72    H N N 185 
DT  H73    H N N 186 
DT  H6     H N N 187 
HOH O      O N N 188 
HOH H1     H N N 189 
HOH H2     H N N 190 
# 
loop_
_chem_comp_bond.comp_id 
_chem_comp_bond.atom_id_1 
_chem_comp_bond.atom_id_2 
_chem_comp_bond.value_order 
_chem_comp_bond.pdbx_aromatic_flag 
_chem_comp_bond.pdbx_stereo_config 
_chem_comp_bond.pdbx_ordinal 
2AT P     OP1    doub N N 1   
2AT P     OP2    sing N N 2   
2AT P     "O5'"  sing N N 3   
2AT P     OP3    sing N N 4   
2AT OP2   HOP2   sing N N 5   
2AT "O5'" "C5'"  sing N N 6   
2AT "C5'" "C4'"  sing N N 7   
2AT "C5'" "H5'"  sing N N 8   
2AT "C5'" "H5''" sing N N 9   
2AT "C4'" "O4'"  sing N N 10  
2AT "C4'" "C3'"  sing N N 11  
2AT "C4'" "H4'"  sing N N 12  
2AT "O4'" "C1'"  sing N N 13  
2AT "C1'" N1     sing N N 14  
2AT "C1'" "C2'"  sing N N 15  
2AT "C1'" "H1'"  sing N N 16  
2AT N1    C6     sing N N 17  
2AT N1    C2     sing N N 18  
2AT C6    C5     doub N N 19  
2AT C6    H6     sing N N 20  
2AT C2    O2     doub N N 21  
2AT C2    N3     sing N N 22  
2AT N3    C4     sing N N 23  
2AT N3    HN3    sing N N 24  
2AT C4    O4     doub N N 25  
2AT C4    C5     sing N N 26  
2AT C5    C5M    sing N N 27  
2AT C5M   H71    sing N N 28  
2AT C5M   H72    sing N N 29  
2AT C5M   H73    sing N N 30  
2AT "C2'" "O2'"  sing N N 31  
2AT "C2'" "C3'"  sing N N 32  
2AT "C2'" "H2'"  sing N N 33  
2AT "O2'" "CB'"  sing N N 34  
2AT "CB'" "CC'"  sing N N 35  
2AT "CB'" "HB'1" sing N N 36  
2AT "CB'" "HB'2" sing N N 37  
2AT "CC'" "CD'"  doub N N 38  
2AT "CC'" "HC'"  sing N N 39  
2AT "CD'" "HD'1" sing N N 40  
2AT "CD'" "HD'2" sing N N 41  
2AT "C3'" "O3'"  sing N N 42  
2AT "C3'" "H3'"  sing N N 43  
2AT "O3'" "HO3'" sing N N 44  
2AT OP3   HOP3   sing N N 45  
DA  OP3   P      sing N N 46  
DA  OP3   HOP3   sing N N 47  
DA  P     OP1    doub N N 48  
DA  P     OP2    sing N N 49  
DA  P     "O5'"  sing N N 50  
DA  OP2   HOP2   sing N N 51  
DA  "O5'" "C5'"  sing N N 52  
DA  "C5'" "C4'"  sing N N 53  
DA  "C5'" "H5'"  sing N N 54  
DA  "C5'" "H5''" sing N N 55  
DA  "C4'" "O4'"  sing N N 56  
DA  "C4'" "C3'"  sing N N 57  
DA  "C4'" "H4'"  sing N N 58  
DA  "O4'" "C1'"  sing N N 59  
DA  "C3'" "O3'"  sing N N 60  
DA  "C3'" "C2'"  sing N N 61  
DA  "C3'" "H3'"  sing N N 62  
DA  "O3'" "HO3'" sing N N 63  
DA  "C2'" "C1'"  sing N N 64  
DA  "C2'" "H2'"  sing N N 65  
DA  "C2'" "H2''" sing N N 66  
DA  "C1'" N9     sing N N 67  
DA  "C1'" "H1'"  sing N N 68  
DA  N9    C8     sing Y N 69  
DA  N9    C4     sing Y N 70  
DA  C8    N7     doub Y N 71  
DA  C8    H8     sing N N 72  
DA  N7    C5     sing Y N 73  
DA  C5    C6     sing Y N 74  
DA  C5    C4     doub Y N 75  
DA  C6    N6     sing N N 76  
DA  C6    N1     doub Y N 77  
DA  N6    H61    sing N N 78  
DA  N6    H62    sing N N 79  
DA  N1    C2     sing Y N 80  
DA  C2    N3     doub Y N 81  
DA  C2    H2     sing N N 82  
DA  N3    C4     sing Y N 83  
DC  OP3   P      sing N N 84  
DC  OP3   HOP3   sing N N 85  
DC  P     OP1    doub N N 86  
DC  P     OP2    sing N N 87  
DC  P     "O5'"  sing N N 88  
DC  OP2   HOP2   sing N N 89  
DC  "O5'" "C5'"  sing N N 90  
DC  "C5'" "C4'"  sing N N 91  
DC  "C5'" "H5'"  sing N N 92  
DC  "C5'" "H5''" sing N N 93  
DC  "C4'" "O4'"  sing N N 94  
DC  "C4'" "C3'"  sing N N 95  
DC  "C4'" "H4'"  sing N N 96  
DC  "O4'" "C1'"  sing N N 97  
DC  "C3'" "O3'"  sing N N 98  
DC  "C3'" "C2'"  sing N N 99  
DC  "C3'" "H3'"  sing N N 100 
DC  "O3'" "HO3'" sing N N 101 
DC  "C2'" "C1'"  sing N N 102 
DC  "C2'" "H2'"  sing N N 103 
DC  "C2'" "H2''" sing N N 104 
DC  "C1'" N1     sing N N 105 
DC  "C1'" "H1'"  sing N N 106 
DC  N1    C2     sing N N 107 
DC  N1    C6     sing N N 108 
DC  C2    O2     doub N N 109 
DC  C2    N3     sing N N 110 
DC  N3    C4     doub N N 111 
DC  C4    N4     sing N N 112 
DC  C4    C5     sing N N 113 
DC  N4    H41    sing N N 114 
DC  N4    H42    sing N N 115 
DC  C5    C6     doub N N 116 
DC  C5    H5     sing N N 117 
DC  C6    H6     sing N N 118 
DG  OP3   P      sing N N 119 
DG  OP3   HOP3   sing N N 120 
DG  P     OP1    doub N N 121 
DG  P     OP2    sing N N 122 
DG  P     "O5'"  sing N N 123 
DG  OP2   HOP2   sing N N 124 
DG  "O5'" "C5'"  sing N N 125 
DG  "C5'" "C4'"  sing N N 126 
DG  "C5'" "H5'"  sing N N 127 
DG  "C5'" "H5''" sing N N 128 
DG  "C4'" "O4'"  sing N N 129 
DG  "C4'" "C3'"  sing N N 130 
DG  "C4'" "H4'"  sing N N 131 
DG  "O4'" "C1'"  sing N N 132 
DG  "C3'" "O3'"  sing N N 133 
DG  "C3'" "C2'"  sing N N 134 
DG  "C3'" "H3'"  sing N N 135 
DG  "O3'" "HO3'" sing N N 136 
DG  "C2'" "C1'"  sing N N 137 
DG  "C2'" "H2'"  sing N N 138 
DG  "C2'" "H2''" sing N N 139 
DG  "C1'" N9     sing N N 140 
DG  "C1'" "H1'"  sing N N 141 
DG  N9    C8     sing Y N 142 
DG  N9    C4     sing Y N 143 
DG  C8    N7     doub Y N 144 
DG  C8    H8     sing N N 145 
DG  N7    C5     sing Y N 146 
DG  C5    C6     sing N N 147 
DG  C5    C4     doub Y N 148 
DG  C6    O6     doub N N 149 
DG  C6    N1     sing N N 150 
DG  N1    C2     sing N N 151 
DG  N1    H1     sing N N 152 
DG  C2    N2     sing N N 153 
DG  C2    N3     doub N N 154 
DG  N2    H21    sing N N 155 
DG  N2    H22    sing N N 156 
DG  N3    C4     sing N N 157 
DT  OP3   P      sing N N 158 
DT  OP3   HOP3   sing N N 159 
DT  P     OP1    doub N N 160 
DT  P     OP2    sing N N 161 
DT  P     "O5'"  sing N N 162 
DT  OP2   HOP2   sing N N 163 
DT  "O5'" "C5'"  sing N N 164 
DT  "C5'" "C4'"  sing N N 165 
DT  "C5'" "H5'"  sing N N 166 
DT  "C5'" "H5''" sing N N 167 
DT  "C4'" "O4'"  sing N N 168 
DT  "C4'" "C3'"  sing N N 169 
DT  "C4'" "H4'"  sing N N 170 
DT  "O4'" "C1'"  sing N N 171 
DT  "C3'" "O3'"  sing N N 172 
DT  "C3'" "C2'"  sing N N 173 
DT  "C3'" "H3'"  sing N N 174 
DT  "O3'" "HO3'" sing N N 175 
DT  "C2'" "C1'"  sing N N 176 
DT  "C2'" "H2'"  sing N N 177 
DT  "C2'" "H2''" sing N N 178 
DT  "C1'" N1     sing N N 179 
DT  "C1'" "H1'"  sing N N 180 
DT  N1    C2     sing N N 181 
DT  N1    C6     sing N N 182 
DT  C2    O2     doub N N 183 
DT  C2    N3     sing N N 184 
DT  N3    C4     sing N N 185 
DT  N3    H3     sing N N 186 
DT  C4    O4     doub N N 187 
DT  C4    C5     sing N N 188 
DT  C5    C7     sing N N 189 
DT  C5    C6     doub N N 190 
DT  C7    H71    sing N N 191 
DT  C7    H72    sing N N 192 
DT  C7    H73    sing N N 193 
DT  C6    H6     sing N N 194 
HOH O     H1     sing N N 195 
HOH O     H2     sing N N 196 
# 
_ndb_struct_conf_na.entry_id   1Y9F 
_ndb_struct_conf_na.feature    'a-form double helix' 
# 
loop_
_ndb_struct_na_base_pair.model_number 
_ndb_struct_na_base_pair.i_label_asym_id 
_ndb_struct_na_base_pair.i_label_comp_id 
_ndb_struct_na_base_pair.i_label_seq_id 
_ndb_struct_na_base_pair.i_symmetry 
_ndb_struct_na_base_pair.j_label_asym_id 
_ndb_struct_na_base_pair.j_label_comp_id 
_ndb_struct_na_base_pair.j_label_seq_id 
_ndb_struct_na_base_pair.j_symmetry 
_ndb_struct_na_base_pair.shear 
_ndb_struct_na_base_pair.stretch 
_ndb_struct_na_base_pair.stagger 
_ndb_struct_na_base_pair.buckle 
_ndb_struct_na_base_pair.propeller 
_ndb_struct_na_base_pair.opening 
_ndb_struct_na_base_pair.pair_number 
_ndb_struct_na_base_pair.pair_name 
_ndb_struct_na_base_pair.i_auth_asym_id 
_ndb_struct_na_base_pair.i_auth_seq_id 
_ndb_struct_na_base_pair.i_PDB_ins_code 
_ndb_struct_na_base_pair.j_auth_asym_id 
_ndb_struct_na_base_pair.j_auth_seq_id 
_ndb_struct_na_base_pair.j_PDB_ins_code 
_ndb_struct_na_base_pair.hbond_type_28 
_ndb_struct_na_base_pair.hbond_type_12 
1 A DG  1  1_555 B DC  10 1_555 -0.341 -0.142 0.151  -0.625 -7.809  -1.470 1  A_DG1:DC20_B  A 1  ? B 20 ? 19 1 
1 A DC  2  1_555 B DG  9  1_555 0.109  -0.083 0.037  5.588  -14.773 0.584  2  A_DC2:DG19_B  A 2  ? B 19 ? 19 1 
1 A DG  3  1_555 B DC  8  1_555 -0.382 -0.185 0.157  -6.688 -16.461 0.616  3  A_DG3:DC18_B  A 3  ? B 18 ? 19 1 
1 A DT  4  1_555 B DA  7  1_555 -0.132 -0.098 -0.016 -3.818 -15.681 0.702  4  A_DT4:DA17_B  A 4  ? B 17 ? 20 1 
1 A DA  5  1_555 B 2AT 6  1_555 0.172  -0.117 0.071  -3.431 -14.760 -2.223 5  A_DA5:2AT16_B A 5  ? B 16 ? 20 1 
1 A 2AT 6  1_555 B DA  5  1_555 0.003  -0.131 0.236  5.471  -12.912 2.712  6  A_2AT6:DA15_B A 6  ? B 15 ? 20 1 
1 A DA  7  1_555 B DT  4  1_555 0.010  -0.177 -0.015 6.676  -11.361 2.458  7  A_DA7:DT14_B  A 7  ? B 14 ? 20 1 
1 A DC  8  1_555 B DG  3  1_555 0.200  -0.194 -0.142 11.870 -14.138 -0.160 8  A_DC8:DG13_B  A 8  ? B 13 ? 19 1 
1 A DG  9  1_555 B DC  2  1_555 -0.165 -0.175 -0.116 -7.329 -10.468 1.197  9  A_DG9:DC12_B  A 9  ? B 12 ? 19 1 
1 A DC  10 1_555 B DG  1  1_555 0.254  -0.200 -0.016 -0.827 4.324   -1.840 10 A_DC10:DG11_B A 10 ? B 11 ? 19 1 
# 
loop_
_ndb_struct_na_base_pair_step.model_number 
_ndb_struct_na_base_pair_step.i_label_asym_id_1 
_ndb_struct_na_base_pair_step.i_label_comp_id_1 
_ndb_struct_na_base_pair_step.i_label_seq_id_1 
_ndb_struct_na_base_pair_step.i_symmetry_1 
_ndb_struct_na_base_pair_step.j_label_asym_id_1 
_ndb_struct_na_base_pair_step.j_label_comp_id_1 
_ndb_struct_na_base_pair_step.j_label_seq_id_1 
_ndb_struct_na_base_pair_step.j_symmetry_1 
_ndb_struct_na_base_pair_step.i_label_asym_id_2 
_ndb_struct_na_base_pair_step.i_label_comp_id_2 
_ndb_struct_na_base_pair_step.i_label_seq_id_2 
_ndb_struct_na_base_pair_step.i_symmetry_2 
_ndb_struct_na_base_pair_step.j_label_asym_id_2 
_ndb_struct_na_base_pair_step.j_label_comp_id_2 
_ndb_struct_na_base_pair_step.j_label_seq_id_2 
_ndb_struct_na_base_pair_step.j_symmetry_2 
_ndb_struct_na_base_pair_step.shift 
_ndb_struct_na_base_pair_step.slide 
_ndb_struct_na_base_pair_step.rise 
_ndb_struct_na_base_pair_step.tilt 
_ndb_struct_na_base_pair_step.roll 
_ndb_struct_na_base_pair_step.twist 
_ndb_struct_na_base_pair_step.x_displacement 
_ndb_struct_na_base_pair_step.y_displacement 
_ndb_struct_na_base_pair_step.helical_rise 
_ndb_struct_na_base_pair_step.inclination 
_ndb_struct_na_base_pair_step.tip 
_ndb_struct_na_base_pair_step.helical_twist 
_ndb_struct_na_base_pair_step.step_number 
_ndb_struct_na_base_pair_step.step_name 
_ndb_struct_na_base_pair_step.i_auth_asym_id_1 
_ndb_struct_na_base_pair_step.i_auth_seq_id_1 
_ndb_struct_na_base_pair_step.i_PDB_ins_code_1 
_ndb_struct_na_base_pair_step.j_auth_asym_id_1 
_ndb_struct_na_base_pair_step.j_auth_seq_id_1 
_ndb_struct_na_base_pair_step.j_PDB_ins_code_1 
_ndb_struct_na_base_pair_step.i_auth_asym_id_2 
_ndb_struct_na_base_pair_step.i_auth_seq_id_2 
_ndb_struct_na_base_pair_step.i_PDB_ins_code_2 
_ndb_struct_na_base_pair_step.j_auth_asym_id_2 
_ndb_struct_na_base_pair_step.j_auth_seq_id_2 
_ndb_struct_na_base_pair_step.j_PDB_ins_code_2 
1 A DG  1 1_555 B DC  10 1_555 A DC  2  1_555 B DG  9 1_555 0.308  -1.498 3.131 2.531  -0.927 38.776 -2.142 -0.166 3.177 -1.395 
-3.807 38.866 1 AA_DG1DC2:DG19DC20_BB   A 1 ? B 20 ? A 2  ? B 19 ? 
1 A DC  2 1_555 B DG  9  1_555 A DG  3  1_555 B DC  8 1_555 0.269  -2.167 3.430 -0.218 11.199 25.988 -6.823 -0.598 2.313 23.559 
0.459  28.261 2 AA_DC2DG3:DC18DG19_BB   A 2 ? B 19 ? A 3  ? B 18 ? 
1 A DG  3 1_555 B DC  8  1_555 A DT  4  1_555 B DA  7 1_555 -1.116 -1.512 3.158 -2.141 4.709  36.157 -3.029 1.502  3.003 7.539  
3.428  36.513 3 AA_DG3DT4:DA17DC18_BB   A 3 ? B 18 ? A 4  ? B 17 ? 
1 A DT  4 1_555 B DA  7  1_555 A DA  5  1_555 B 2AT 6 1_555 0.675  -1.492 3.221 3.149  18.778 26.115 -5.562 -0.734 1.833 36.083 
-6.052 32.221 4 AA_DT4DA5:2AT16DA17_BB  A 4 ? B 17 ? A 5  ? B 16 ? 
1 A DA  5 1_555 B 2AT 6  1_555 A 2AT 6  1_555 B DA  5 1_555 0.651  -1.313 3.032 -0.199 6.084  32.312 -3.248 -1.180 2.742 10.812 
0.353  32.865 5 AA_DA52AT6:DA152AT16_BB A 5 ? B 16 ? A 6  ? B 15 ? 
1 A 2AT 6 1_555 B DA  5  1_555 A DA  7  1_555 B DT  4 1_555 -0.154 -1.422 3.106 1.386  14.501 30.324 -4.498 0.462  2.208 25.925 
-2.477 33.568 6 AA_2AT6DA7:DT14DA15_BB  A 6 ? B 15 ? A 7  ? B 14 ? 
1 A DA  7 1_555 B DT  4  1_555 A DC  8  1_555 B DG  3 1_555 0.118  -1.699 3.242 -0.163 4.511  30.769 -3.995 -0.250 2.968 8.445  
0.305  31.090 7 AA_DA7DC8:DG13DT14_BB   A 7 ? B 14 ? A 8  ? B 13 ? 
1 A DC  8 1_555 B DG  3  1_555 A DG  9  1_555 B DC  2 1_555 -0.416 -2.004 3.665 0.369  13.321 29.616 -5.923 0.810  2.546 24.555 
-0.680 32.414 8 AA_DC8DG9:DC12DG13_BB   A 8 ? B 13 ? A 9  ? B 12 ? 
1 A DG  9 1_555 B DC  2  1_555 A DC  10 1_555 B DG  1 1_555 0.164  -1.582 3.261 0.077  1.150  34.931 -2.806 -0.261 3.209 1.915  
-0.128 34.949 9 AA_DG9DC10:DG11DC12_BB  A 9 ? B 12 ? A 10 ? B 11 ? 
# 
_pdbx_entity_nonpoly.entity_id   2 
_pdbx_entity_nonpoly.name        water 
_pdbx_entity_nonpoly.comp_id     HOH 
# 
_pdbx_initial_refinement_model.id               1 
_pdbx_initial_refinement_model.entity_id_list   ? 
_pdbx_initial_refinement_model.type             'experimental model' 
_pdbx_initial_refinement_model.source_name      PDB 
_pdbx_initial_refinement_model.accession_code   410D 
_pdbx_initial_refinement_model.details          'pdb entry 410D' 
# 
